data_5U3Z
#
_entry.id   5U3Z
#
_cell.length_a   39.430
_cell.length_b   94.750
_cell.length_c   96.050
_cell.angle_alpha   90.00
_cell.angle_beta   97.68
_cell.angle_gamma   90.00
#
_symmetry.space_group_name_H-M   'P 1 21 1'
#
loop_
_entity.id
_entity.type
_entity.pdbx_description
1 polymer 'Peroxisome proliferator-activated receptor delta'
2 non-polymer '6-[2-({cyclopropyl[4-(furan-3-yl)benzene-1-carbonyl]amino}methyl)phenoxy]hexanoic acid'
3 non-polymer S-1,2-PROPANEDIOL
4 non-polymer DI(HYDROXYETHYL)ETHER
5 non-polymer 'heptyl beta-D-glucopyranoside'
6 water water
#
_entity_poly.entity_id   1
_entity_poly.type   'polypeptide(L)'
_entity_poly.pdbx_seq_one_letter_code
;PQVADLKAFSKHIYNAYLKNFNMTKKKARSILTGKASHTAPFVIHDIETLWQAEKGLVWKQLVNGLPPYKEISVHVFYRC
QCTTVETVRELTEFAKSIPSFSSLFLNDQVTLLKYGVHEAIFAMLASIVNKDGLLVANGSGFVTREFLRSLRKPFSDIIE
PKFEFAVKFNALELDDSDLALFIAAIILCGDRPGLMNVPRVEAIQDTILRALEFHLQANHPDAQYLFPKLLQKMADLRQL
VTEHAQMMQRIKKTETETSLHPLLQEIYKDMY
;
_entity_poly.pdbx_strand_id   A,B
#
loop_
_chem_comp.id
_chem_comp.type
_chem_comp.name
_chem_comp.formula
7UA non-polymer '6-[2-({cyclopropyl[4-(furan-3-yl)benzene-1-carbonyl]amino}methyl)phenoxy]hexanoic acid' 'C27 H29 N O5'
B7G D-saccharide 'heptyl beta-D-glucopyranoside' 'C13 H26 O6'
PEG non-polymer DI(HYDROXYETHYL)ETHER 'C4 H10 O3'
PGO non-polymer S-1,2-PROPANEDIOL 'C3 H8 O2'
#
# COMPACT_ATOMS: atom_id res chain seq x y z
N VAL A 3 26.07 -17.96 2.21
CA VAL A 3 26.30 -17.47 0.85
C VAL A 3 25.41 -18.15 -0.17
N ALA A 4 25.26 -19.48 -0.06
CA ALA A 4 24.45 -20.20 -1.03
C ALA A 4 22.98 -19.86 -0.86
N ASP A 5 22.62 -19.40 0.33
CA ASP A 5 21.24 -18.99 0.60
C ASP A 5 20.86 -17.71 -0.16
N LEU A 6 21.82 -16.81 -0.29
CA LEU A 6 21.57 -15.58 -0.97
C LEU A 6 21.33 -15.76 -2.48
N LYS A 7 21.74 -16.89 -3.06
CA LYS A 7 21.53 -17.11 -4.50
C LYS A 7 20.07 -17.30 -4.84
N ALA A 8 19.38 -18.04 -3.98
CA ALA A 8 17.95 -18.23 -4.13
C ALA A 8 17.20 -16.92 -3.99
N PHE A 9 17.60 -16.17 -2.98
CA PHE A 9 17.02 -14.87 -2.69
C PHE A 9 17.24 -13.95 -3.87
N SER A 10 18.46 -13.96 -4.39
N SER A 10 18.47 -13.97 -4.39
CA SER A 10 18.79 -13.13 -5.53
CA SER A 10 18.82 -13.16 -5.54
C SER A 10 18.00 -13.51 -6.79
C SER A 10 17.97 -13.51 -6.76
N LYS A 11 17.87 -14.80 -7.07
CA LYS A 11 17.18 -15.25 -8.28
C LYS A 11 15.69 -14.90 -8.24
N HIS A 12 15.08 -14.97 -7.06
CA HIS A 12 13.69 -14.55 -6.90
C HIS A 12 13.51 -13.06 -7.19
N ILE A 13 14.45 -12.24 -6.74
CA ILE A 13 14.37 -10.80 -6.99
C ILE A 13 14.56 -10.56 -8.49
N TYR A 14 15.49 -11.28 -9.10
CA TYR A 14 15.69 -11.14 -10.54
C TYR A 14 14.42 -11.53 -11.29
N ASN A 15 13.75 -12.60 -10.85
CA ASN A 15 12.53 -13.02 -11.53
C ASN A 15 11.40 -11.97 -11.36
N ALA A 16 11.33 -11.33 -10.19
CA ALA A 16 10.38 -10.23 -9.99
C ALA A 16 10.63 -9.07 -10.95
N TYR A 17 11.92 -8.80 -11.17
CA TYR A 17 12.33 -7.78 -12.11
C TYR A 17 11.89 -8.12 -13.54
N LEU A 18 12.18 -9.34 -13.95
CA LEU A 18 11.90 -9.80 -15.31
C LEU A 18 10.40 -9.85 -15.58
N LYS A 19 9.63 -10.22 -14.57
CA LYS A 19 8.18 -10.27 -14.66
C LYS A 19 7.51 -8.90 -14.75
N ASN A 20 8.12 -7.86 -14.19
CA ASN A 20 7.41 -6.60 -13.96
C ASN A 20 7.89 -5.38 -14.74
N PHE A 21 9.12 -5.35 -15.23
CA PHE A 21 9.54 -4.18 -15.98
C PHE A 21 9.37 -4.30 -17.48
N ASN A 22 8.88 -3.22 -18.07
CA ASN A 22 8.57 -3.18 -19.50
C ASN A 22 9.80 -3.36 -20.35
N MET A 23 10.89 -2.70 -19.97
CA MET A 23 12.12 -2.89 -20.72
C MET A 23 13.30 -3.23 -19.85
N THR A 24 14.06 -4.21 -20.30
CA THR A 24 15.32 -4.56 -19.68
C THR A 24 16.45 -3.69 -20.25
N LYS A 25 17.53 -3.64 -19.49
CA LYS A 25 18.71 -2.99 -19.96
C LYS A 25 19.24 -3.78 -21.16
N LYS A 26 19.15 -5.10 -21.10
CA LYS A 26 19.62 -5.90 -22.22
C LYS A 26 18.89 -5.46 -23.50
N LYS A 27 17.56 -5.36 -23.43
CA LYS A 27 16.78 -4.94 -24.58
C LYS A 27 17.15 -3.51 -24.98
N ALA A 28 17.20 -2.60 -24.02
CA ALA A 28 17.56 -1.21 -24.30
C ALA A 28 18.90 -1.08 -25.01
N ARG A 29 19.92 -1.75 -24.51
CA ARG A 29 21.24 -1.62 -25.13
C ARG A 29 21.28 -2.23 -26.51
N SER A 30 20.49 -3.28 -26.77
CA SER A 30 20.50 -3.82 -28.11
C SER A 30 19.86 -2.81 -29.08
N ILE A 31 18.89 -2.06 -28.60
CA ILE A 31 18.23 -1.07 -29.45
C ILE A 31 19.20 0.08 -29.67
N LEU A 32 19.77 0.59 -28.59
CA LEU A 32 20.69 1.72 -28.67
C LEU A 32 21.90 1.42 -29.55
N THR A 33 22.34 0.16 -29.63
CA THR A 33 23.52 -0.16 -30.44
C THR A 33 23.18 -0.64 -31.83
N GLY A 34 21.89 -0.65 -32.16
CA GLY A 34 21.45 -1.12 -33.46
C GLY A 34 21.72 -2.59 -33.70
N LYS A 35 21.18 -3.43 -32.81
CA LYS A 35 21.32 -4.88 -32.96
C LYS A 35 20.02 -5.62 -32.60
N ALA A 36 19.00 -4.85 -32.23
CA ALA A 36 17.75 -5.41 -31.71
C ALA A 36 16.78 -5.86 -32.80
N SER A 37 16.52 -4.98 -33.77
CA SER A 37 15.46 -5.26 -34.73
C SER A 37 15.77 -4.87 -36.17
N HIS A 38 14.78 -5.14 -37.00
N HIS A 38 14.79 -5.11 -37.03
CA HIS A 38 14.76 -4.78 -38.41
CA HIS A 38 14.91 -4.75 -38.43
C HIS A 38 14.65 -3.27 -38.62
C HIS A 38 14.71 -3.24 -38.61
N THR A 39 14.17 -2.57 -37.59
CA THR A 39 13.89 -1.13 -37.67
C THR A 39 14.48 -0.32 -36.52
N ALA A 40 15.02 0.85 -36.86
CA ALA A 40 15.66 1.72 -35.87
C ALA A 40 14.70 2.69 -35.21
N PRO A 41 15.05 3.19 -34.02
CA PRO A 41 14.14 4.15 -33.40
C PRO A 41 14.06 5.47 -34.17
N PHE A 42 12.90 6.10 -34.15
CA PHE A 42 12.71 7.38 -34.81
C PHE A 42 13.33 8.48 -33.98
N VAL A 43 14.17 9.30 -34.58
CA VAL A 43 14.91 10.29 -33.79
C VAL A 43 14.14 11.58 -33.69
N ILE A 44 13.87 11.94 -32.45
CA ILE A 44 13.21 13.19 -32.11
C ILE A 44 14.27 14.20 -31.68
N HIS A 45 14.43 15.24 -32.49
CA HIS A 45 15.49 16.21 -32.23
C HIS A 45 15.06 17.66 -32.42
N ASP A 46 13.79 17.86 -32.72
CA ASP A 46 13.25 19.21 -32.84
C ASP A 46 11.71 19.17 -32.87
N ILE A 47 11.10 20.33 -33.02
CA ILE A 47 9.65 20.43 -32.97
C ILE A 47 9.02 19.58 -34.04
N GLU A 48 9.53 19.66 -35.26
CA GLU A 48 8.94 18.95 -36.38
C GLU A 48 8.98 17.44 -36.13
N THR A 49 10.09 16.93 -35.63
CA THR A 49 10.17 15.48 -35.45
C THR A 49 9.37 15.04 -34.23
N LEU A 50 9.26 15.91 -33.21
CA LEU A 50 8.39 15.63 -32.08
C LEU A 50 6.94 15.49 -32.58
N TRP A 51 6.51 16.43 -33.43
CA TRP A 51 5.17 16.35 -33.99
C TRP A 51 4.96 15.06 -34.80
N GLN A 52 5.90 14.77 -35.68
CA GLN A 52 5.85 13.55 -36.45
C GLN A 52 5.78 12.30 -35.57
N ALA A 53 6.47 12.33 -34.42
CA ALA A 53 6.47 11.20 -33.50
C ALA A 53 5.11 11.05 -32.82
N GLU A 54 4.50 12.17 -32.46
CA GLU A 54 3.16 12.15 -31.88
C GLU A 54 2.12 11.72 -32.90
N LYS A 55 2.38 11.96 -34.18
CA LYS A 55 1.46 11.51 -35.21
C LYS A 55 1.74 10.07 -35.62
N GLY A 56 2.97 9.61 -35.36
CA GLY A 56 3.49 8.33 -35.86
C GLY A 56 3.79 7.24 -34.84
N LEU A 57 4.64 7.49 -33.83
CA LEU A 57 4.98 6.49 -32.81
C LEU A 57 3.84 6.11 -31.90
N VAL A 58 3.89 4.86 -31.47
CA VAL A 58 2.89 4.29 -30.59
C VAL A 58 3.32 4.51 -29.15
N TRP A 59 2.56 5.35 -28.45
CA TRP A 59 2.86 5.69 -27.07
C TRP A 59 1.95 4.90 -26.13
N LYS A 60 2.49 4.51 -24.98
CA LYS A 60 1.72 3.78 -23.99
C LYS A 60 0.56 4.63 -23.49
N GLN A 61 0.79 5.94 -23.48
CA GLN A 61 -0.23 6.90 -23.10
C GLN A 61 -0.67 7.73 -24.33
N LEU A 62 -1.94 7.58 -24.73
CA LEU A 62 -2.45 8.27 -25.90
C LEU A 62 -2.46 9.79 -25.69
N VAL A 63 -2.13 10.53 -26.74
CA VAL A 63 -1.95 11.99 -26.68
C VAL A 63 -3.24 12.67 -26.21
N ASN A 64 -4.37 12.13 -26.64
CA ASN A 64 -5.67 12.68 -26.26
C ASN A 64 -5.79 12.68 -24.74
N GLY A 65 -5.14 11.72 -24.10
CA GLY A 65 -5.19 11.51 -22.67
C GLY A 65 -4.36 12.49 -21.86
N LEU A 66 -3.30 13.02 -22.45
CA LEU A 66 -2.52 14.06 -21.79
C LEU A 66 -3.39 15.27 -21.46
N PRO A 67 -2.99 16.04 -20.44
CA PRO A 67 -3.70 17.29 -20.13
C PRO A 67 -3.74 18.19 -21.36
N PRO A 68 -4.63 19.18 -21.39
CA PRO A 68 -4.70 20.03 -22.59
C PRO A 68 -3.36 20.64 -22.92
N TYR A 69 -3.10 20.79 -24.21
CA TYR A 69 -1.82 21.24 -24.67
C TYR A 69 -1.52 22.67 -24.23
N LYS A 70 -0.25 22.94 -23.88
CA LYS A 70 0.15 24.29 -23.46
C LYS A 70 1.27 24.86 -24.33
N GLU A 71 2.37 24.12 -24.46
CA GLU A 71 3.54 24.49 -25.29
C GLU A 71 4.50 23.30 -25.36
N ILE A 72 5.55 23.40 -26.17
CA ILE A 72 6.46 22.25 -26.38
C ILE A 72 7.17 21.74 -25.10
N SER A 73 7.78 22.66 -24.34
CA SER A 73 8.49 22.26 -23.11
C SER A 73 7.53 21.57 -22.15
N VAL A 74 6.27 22.03 -22.09
CA VAL A 74 5.31 21.54 -21.12
C VAL A 74 4.86 20.19 -21.59
N HIS A 75 4.71 20.06 -22.90
CA HIS A 75 4.31 18.80 -23.50
C HIS A 75 5.34 17.73 -23.21
N VAL A 76 6.62 18.10 -23.34
CA VAL A 76 7.68 17.14 -23.08
C VAL A 76 7.61 16.78 -21.58
N PHE A 77 7.38 17.77 -20.73
CA PHE A 77 7.22 17.52 -19.28
C PHE A 77 6.10 16.54 -18.96
N TYR A 78 4.97 16.69 -19.65
CA TYR A 78 3.85 15.75 -19.52
C TYR A 78 4.19 14.33 -19.94
N ARG A 79 4.94 14.19 -21.04
CA ARG A 79 5.45 12.87 -21.41
C ARG A 79 6.41 12.29 -20.35
N CYS A 80 7.24 13.15 -19.77
CA CYS A 80 8.11 12.71 -18.64
C CYS A 80 7.26 12.18 -17.49
N GLN A 81 6.22 12.93 -17.13
CA GLN A 81 5.33 12.49 -16.03
C GLN A 81 4.64 11.17 -16.34
N CYS A 82 4.18 11.00 -17.58
CA CYS A 82 3.62 9.72 -18.04
C CYS A 82 4.50 8.55 -17.72
N THR A 83 5.77 8.69 -18.09
CA THR A 83 6.68 7.61 -17.93
C THR A 83 7.02 7.42 -16.47
N THR A 84 7.10 8.53 -15.73
N THR A 84 7.14 8.49 -15.69
CA THR A 84 7.41 8.42 -14.33
CA THR A 84 7.48 8.27 -14.27
C THR A 84 6.32 7.60 -13.64
C THR A 84 6.31 7.60 -13.55
N VAL A 85 5.07 7.98 -13.87
CA VAL A 85 3.95 7.31 -13.23
C VAL A 85 3.84 5.83 -13.63
N GLU A 86 4.06 5.54 -14.90
CA GLU A 86 4.06 4.15 -15.35
C GLU A 86 5.17 3.36 -14.64
N THR A 87 6.33 3.99 -14.47
CA THR A 87 7.44 3.31 -13.81
C THR A 87 7.14 3.10 -12.30
N VAL A 88 6.45 4.06 -11.68
CA VAL A 88 6.01 3.87 -10.31
C VAL A 88 5.12 2.62 -10.22
N ARG A 89 4.19 2.46 -11.17
CA ARG A 89 3.33 1.26 -11.20
C ARG A 89 4.17 -0.02 -11.32
N GLU A 90 5.17 -0.02 -12.19
CA GLU A 90 5.99 -1.21 -12.37
C GLU A 90 6.83 -1.50 -11.12
N LEU A 91 7.36 -0.45 -10.51
CA LEU A 91 8.16 -0.60 -9.29
C LEU A 91 7.30 -1.14 -8.15
N THR A 92 6.05 -0.69 -8.06
CA THR A 92 5.11 -1.18 -7.05
C THR A 92 4.89 -2.67 -7.22
N GLU A 93 4.69 -3.12 -8.46
CA GLU A 93 4.46 -4.55 -8.69
C GLU A 93 5.73 -5.36 -8.43
N PHE A 94 6.87 -4.80 -8.80
CA PHE A 94 8.17 -5.42 -8.56
C PHE A 94 8.33 -5.64 -7.06
N ALA A 95 8.15 -4.57 -6.28
CA ALA A 95 8.24 -4.67 -4.81
C ALA A 95 7.27 -5.72 -4.25
N LYS A 96 6.03 -5.74 -4.72
CA LYS A 96 5.04 -6.70 -4.21
C LYS A 96 5.38 -8.16 -4.59
N SER A 97 6.15 -8.36 -5.66
CA SER A 97 6.62 -9.70 -6.08
C SER A 97 7.80 -10.15 -5.23
N ILE A 98 8.23 -9.30 -4.30
CA ILE A 98 9.26 -9.68 -3.34
C ILE A 98 8.62 -10.07 -1.97
N PRO A 99 8.67 -11.36 -1.58
CA PRO A 99 7.87 -11.76 -0.41
C PRO A 99 8.09 -10.96 0.87
N SER A 100 9.32 -10.56 1.17
CA SER A 100 9.56 -9.85 2.42
C SER A 100 9.02 -8.40 2.38
N PHE A 101 8.90 -7.82 1.20
CA PHE A 101 8.22 -6.53 1.09
C PHE A 101 6.70 -6.69 1.29
N SER A 102 6.12 -7.71 0.67
CA SER A 102 4.69 -7.91 0.77
C SER A 102 4.26 -8.30 2.18
N SER A 103 5.20 -8.76 2.99
N SER A 103 5.20 -8.79 2.98
CA SER A 103 4.88 -9.14 4.36
CA SER A 103 4.91 -9.15 4.37
C SER A 103 4.90 -7.95 5.31
C SER A 103 4.82 -7.93 5.28
N LEU A 104 5.34 -6.79 4.81
CA LEU A 104 5.26 -5.55 5.58
C LEU A 104 3.83 -5.05 5.61
N PHE A 105 3.43 -4.32 6.65
CA PHE A 105 2.11 -3.70 6.65
C PHE A 105 2.01 -2.75 5.45
N LEU A 106 0.80 -2.57 4.96
CA LEU A 106 0.62 -1.85 3.70
C LEU A 106 1.07 -0.39 3.79
N ASN A 107 0.87 0.24 4.95
CA ASN A 107 1.35 1.62 5.13
C ASN A 107 2.88 1.74 5.06
N ASP A 108 3.64 0.78 5.57
CA ASP A 108 5.10 0.80 5.32
C ASP A 108 5.46 0.56 3.86
N GLN A 109 4.70 -0.30 3.17
CA GLN A 109 4.92 -0.49 1.74
C GLN A 109 4.81 0.88 1.04
N VAL A 110 3.78 1.63 1.39
CA VAL A 110 3.54 2.91 0.76
C VAL A 110 4.66 3.90 1.09
N THR A 111 5.12 3.89 2.34
CA THR A 111 6.23 4.78 2.74
C THR A 111 7.48 4.48 1.95
N LEU A 112 7.81 3.19 1.82
CA LEU A 112 9.02 2.81 1.08
C LEU A 112 8.92 3.25 -0.38
N LEU A 113 7.75 3.05 -0.99
CA LEU A 113 7.58 3.42 -2.39
C LEU A 113 7.62 4.93 -2.53
N LYS A 114 6.88 5.63 -1.68
CA LYS A 114 6.86 7.09 -1.76
C LYS A 114 8.24 7.71 -1.76
N TYR A 115 9.11 7.24 -0.88
CA TYR A 115 10.43 7.84 -0.73
C TYR A 115 11.53 7.14 -1.54
N GLY A 116 11.20 5.98 -2.11
CA GLY A 116 12.15 5.23 -2.91
C GLY A 116 12.00 5.27 -4.42
N VAL A 117 10.79 5.54 -4.93
CA VAL A 117 10.60 5.29 -6.36
C VAL A 117 11.40 6.22 -7.23
N HIS A 118 11.61 7.49 -6.86
CA HIS A 118 12.40 8.34 -7.75
C HIS A 118 13.85 7.98 -7.78
N GLU A 119 14.39 7.57 -6.66
CA GLU A 119 15.73 7.04 -6.69
C GLU A 119 15.85 5.82 -7.61
N ALA A 120 14.88 4.92 -7.57
CA ALA A 120 14.90 3.74 -8.40
C ALA A 120 14.72 4.14 -9.87
N ILE A 121 13.85 5.10 -10.11
CA ILE A 121 13.59 5.57 -11.48
C ILE A 121 14.86 6.11 -12.10
N PHE A 122 15.58 6.96 -11.38
CA PHE A 122 16.75 7.56 -11.97
C PHE A 122 17.88 6.57 -12.13
N ALA A 123 17.97 5.52 -11.30
CA ALA A 123 18.91 4.43 -11.53
C ALA A 123 18.56 3.63 -12.79
N MET A 124 17.29 3.30 -12.93
CA MET A 124 16.85 2.51 -14.08
C MET A 124 16.89 3.31 -15.37
N LEU A 125 16.72 4.62 -15.25
CA LEU A 125 16.83 5.54 -16.41
C LEU A 125 18.14 5.33 -17.19
N ALA A 126 19.24 5.11 -16.47
CA ALA A 126 20.53 4.96 -17.10
C ALA A 126 20.46 3.88 -18.16
N SER A 127 19.59 2.87 -17.96
CA SER A 127 19.52 1.73 -18.88
C SER A 127 19.08 2.14 -20.30
N ILE A 128 18.26 3.17 -20.39
CA ILE A 128 17.76 3.61 -21.70
C ILE A 128 18.47 4.86 -22.24
N VAL A 129 19.56 5.25 -21.59
CA VAL A 129 20.27 6.49 -21.90
C VAL A 129 21.63 6.23 -22.52
N ASN A 130 22.04 7.08 -23.46
CA ASN A 130 23.48 7.15 -23.77
C ASN A 130 23.83 8.63 -23.79
N LYS A 131 25.07 8.96 -24.09
CA LYS A 131 25.50 10.33 -23.90
C LYS A 131 24.73 11.27 -24.88
N ASP A 132 24.09 10.68 -25.89
CA ASP A 132 23.41 11.48 -26.93
C ASP A 132 21.91 11.61 -26.78
N GLY A 133 21.29 10.80 -25.92
CA GLY A 133 19.85 10.89 -25.73
C GLY A 133 19.27 9.68 -25.06
N LEU A 134 17.95 9.53 -25.16
CA LEU A 134 17.29 8.41 -24.50
C LEU A 134 16.15 7.84 -25.33
N LEU A 135 15.90 6.55 -25.09
CA LEU A 135 14.78 5.84 -25.68
C LEU A 135 13.45 6.30 -25.11
N VAL A 136 12.45 6.41 -25.97
CA VAL A 136 11.08 6.67 -25.58
C VAL A 136 10.12 5.73 -26.33
N ALA A 137 8.87 5.67 -25.87
CA ALA A 137 7.83 4.87 -26.54
C ALA A 137 8.25 3.46 -26.82
N ASN A 138 8.67 2.80 -25.75
CA ASN A 138 8.99 1.40 -25.78
C ASN A 138 10.11 1.09 -26.76
N GLY A 139 11.01 2.04 -26.95
CA GLY A 139 12.15 1.83 -27.82
C GLY A 139 11.92 2.24 -29.26
N SER A 140 10.70 2.71 -29.58
CA SER A 140 10.35 3.17 -30.93
C SER A 140 10.90 4.53 -31.29
N GLY A 141 11.18 5.35 -30.27
CA GLY A 141 11.77 6.66 -30.48
C GLY A 141 13.04 6.86 -29.68
N PHE A 142 13.81 7.85 -30.10
CA PHE A 142 15.02 8.27 -29.40
C PHE A 142 15.01 9.76 -29.35
N VAL A 143 14.95 10.34 -28.15
CA VAL A 143 14.99 11.80 -28.02
C VAL A 143 16.39 12.27 -27.71
N THR A 144 16.88 13.22 -28.49
CA THR A 144 18.25 13.65 -28.28
C THR A 144 18.41 14.55 -27.08
N ARG A 145 19.54 14.34 -26.42
CA ARG A 145 19.95 15.17 -25.31
C ARG A 145 20.03 16.66 -25.71
N GLU A 146 20.47 16.95 -26.94
N GLU A 146 20.49 16.93 -26.93
CA GLU A 146 20.59 18.34 -27.39
CA GLU A 146 20.59 18.30 -27.40
C GLU A 146 19.23 19.01 -27.55
C GLU A 146 19.21 18.97 -27.44
N PHE A 147 18.23 18.26 -27.99
CA PHE A 147 16.86 18.77 -28.02
C PHE A 147 16.35 19.04 -26.63
N LEU A 148 16.58 18.13 -25.68
CA LEU A 148 16.09 18.33 -24.34
C LEU A 148 16.77 19.52 -23.68
N ARG A 149 18.05 19.73 -23.97
CA ARG A 149 18.76 20.92 -23.50
C ARG A 149 18.16 22.22 -23.98
N SER A 150 17.54 22.16 -25.16
CA SER A 150 17.00 23.34 -25.82
C SER A 150 15.65 23.79 -25.28
N LEU A 151 15.08 23.01 -24.38
CA LEU A 151 13.79 23.34 -23.80
C LEU A 151 14.01 24.53 -22.88
N ARG A 152 12.96 25.28 -22.61
CA ARG A 152 13.18 26.44 -21.77
C ARG A 152 13.37 26.02 -20.34
N LYS A 153 14.10 26.83 -19.61
CA LYS A 153 14.17 26.68 -18.17
C LYS A 153 12.74 26.86 -17.68
N PRO A 154 12.32 26.10 -16.67
CA PRO A 154 13.04 25.13 -15.83
C PRO A 154 13.07 23.71 -16.33
N PHE A 155 12.51 23.46 -17.49
CA PHE A 155 12.36 22.08 -17.95
C PHE A 155 13.71 21.47 -18.41
N SER A 156 14.55 22.23 -19.09
CA SER A 156 15.86 21.70 -19.48
C SER A 156 16.75 21.41 -18.23
N ASP A 157 16.64 22.27 -17.22
CA ASP A 157 17.41 22.14 -15.97
C ASP A 157 17.10 20.87 -15.17
N ILE A 158 15.85 20.42 -15.23
CA ILE A 158 15.44 19.23 -14.47
C ILE A 158 15.84 17.94 -15.20
N ILE A 159 16.16 18.05 -16.48
CA ILE A 159 16.51 16.90 -17.27
C ILE A 159 18.03 16.64 -17.28
N GLU A 160 18.85 17.66 -17.55
CA GLU A 160 20.28 17.44 -17.80
C GLU A 160 21.05 16.72 -16.67
N PRO A 161 20.77 17.03 -15.39
CA PRO A 161 21.55 16.32 -14.35
C PRO A 161 21.36 14.78 -14.33
N LYS A 162 20.23 14.32 -14.85
CA LYS A 162 19.98 12.89 -14.93
C LYS A 162 20.86 12.22 -15.96
N PHE A 163 21.14 12.91 -17.08
CA PHE A 163 22.08 12.41 -18.04
C PHE A 163 23.46 12.34 -17.44
N GLU A 164 23.83 13.37 -16.68
CA GLU A 164 25.16 13.42 -16.07
C GLU A 164 25.33 12.20 -15.16
N PHE A 165 24.31 11.90 -14.36
CA PHE A 165 24.36 10.72 -13.49
C PHE A 165 24.43 9.41 -14.27
N ALA A 166 23.59 9.30 -15.28
CA ALA A 166 23.43 8.08 -16.06
C ALA A 166 24.65 7.65 -16.78
N VAL A 167 25.35 8.58 -17.40
CA VAL A 167 26.53 8.25 -18.17
C VAL A 167 27.61 7.71 -17.24
N LYS A 168 27.76 8.33 -16.09
CA LYS A 168 28.70 7.79 -15.10
C LYS A 168 28.27 6.41 -14.58
N PHE A 169 26.99 6.25 -14.30
CA PHE A 169 26.47 4.96 -13.79
C PHE A 169 26.66 3.84 -14.80
N ASN A 170 26.42 4.13 -16.08
CA ASN A 170 26.60 3.13 -17.13
C ASN A 170 28.03 2.68 -17.28
N ALA A 171 29.00 3.48 -16.83
CA ALA A 171 30.37 3.09 -16.97
C ALA A 171 30.68 1.92 -16.03
N LEU A 172 29.83 1.70 -15.01
CA LEU A 172 29.98 0.52 -14.15
C LEU A 172 29.56 -0.79 -14.84
N GLU A 173 28.88 -0.68 -15.98
CA GLU A 173 28.48 -1.85 -16.80
C GLU A 173 27.69 -2.91 -16.02
N LEU A 174 26.70 -2.49 -15.26
CA LEU A 174 25.84 -3.45 -14.58
C LEU A 174 24.93 -4.14 -15.58
N ASP A 175 24.53 -5.39 -15.27
CA ASP A 175 23.49 -6.02 -16.08
C ASP A 175 22.18 -6.08 -15.29
N ASP A 176 21.18 -6.69 -15.90
CA ASP A 176 19.85 -6.70 -15.35
C ASP A 176 19.78 -7.44 -14.01
N SER A 177 20.57 -8.49 -13.87
CA SER A 177 20.58 -9.22 -12.63
C SER A 177 21.23 -8.40 -11.50
N ASP A 178 22.28 -7.61 -11.81
CA ASP A 178 22.80 -6.64 -10.82
C ASP A 178 21.75 -5.59 -10.46
N LEU A 179 21.13 -5.00 -11.47
CA LEU A 179 20.16 -3.95 -11.26
C LEU A 179 18.95 -4.35 -10.45
N ALA A 180 18.50 -5.59 -10.57
CA ALA A 180 17.35 -6.04 -9.82
C ALA A 180 17.63 -5.95 -8.32
N LEU A 181 18.84 -6.38 -7.93
CA LEU A 181 19.25 -6.32 -6.54
C LEU A 181 19.48 -4.88 -6.10
N PHE A 182 20.11 -4.08 -6.97
CA PHE A 182 20.36 -2.67 -6.66
C PHE A 182 19.04 -1.92 -6.38
N ILE A 183 18.06 -2.10 -7.27
CA ILE A 183 16.79 -1.40 -7.10
C ILE A 183 16.06 -1.91 -5.87
N ALA A 184 16.12 -3.21 -5.61
CA ALA A 184 15.47 -3.72 -4.40
C ALA A 184 16.07 -3.08 -3.15
N ALA A 185 17.39 -2.91 -3.14
CA ALA A 185 18.07 -2.23 -2.04
C ALA A 185 17.69 -0.76 -1.87
N ILE A 186 17.42 -0.06 -2.98
CA ILE A 186 16.89 1.29 -2.90
C ILE A 186 15.48 1.36 -2.31
N ILE A 187 14.60 0.44 -2.70
CA ILE A 187 13.23 0.47 -2.21
C ILE A 187 13.18 0.02 -0.73
N LEU A 188 13.92 -1.03 -0.41
N LEU A 188 13.87 -1.06 -0.39
CA LEU A 188 13.94 -1.59 0.96
CA LEU A 188 13.82 -1.57 0.98
C LEU A 188 14.94 -0.82 1.78
C LEU A 188 14.88 -0.85 1.80
N CYS A 189 14.58 0.39 2.16
CA CYS A 189 15.52 1.28 2.83
C CYS A 189 15.00 1.72 4.16
N GLY A 190 15.75 1.44 5.21
CA GLY A 190 15.27 1.68 6.55
C GLY A 190 15.36 3.12 7.00
N ASP A 191 15.90 4.00 6.16
CA ASP A 191 16.03 5.41 6.52
C ASP A 191 14.78 6.25 6.20
N ARG A 192 13.77 5.68 5.56
CA ARG A 192 12.70 6.54 5.04
C ARG A 192 11.89 7.16 6.17
N PRO A 193 11.50 8.44 6.04
CA PRO A 193 10.71 9.11 7.08
C PRO A 193 9.37 8.43 7.35
N GLY A 194 9.02 8.29 8.62
CA GLY A 194 7.71 7.80 9.00
C GLY A 194 7.55 6.30 8.94
N LEU A 195 8.63 5.56 8.66
CA LEU A 195 8.56 4.10 8.63
C LEU A 195 8.16 3.53 9.97
N MET A 196 7.27 2.56 9.97
CA MET A 196 6.80 2.01 11.22
C MET A 196 7.74 0.95 11.74
N ASN A 197 7.98 -0.07 10.94
CA ASN A 197 8.83 -1.17 11.41
C ASN A 197 10.25 -1.03 10.88
N VAL A 198 11.01 -0.09 11.44
CA VAL A 198 12.36 0.19 10.93
C VAL A 198 13.28 -1.04 11.04
N PRO A 199 13.30 -1.73 12.20
CA PRO A 199 14.19 -2.90 12.33
C PRO A 199 13.93 -4.00 11.27
N ARG A 200 12.68 -4.23 10.90
CA ARG A 200 12.37 -5.26 9.92
C ARG A 200 12.88 -4.83 8.54
N VAL A 201 12.64 -3.57 8.19
CA VAL A 201 13.10 -3.05 6.91
C VAL A 201 14.64 -3.03 6.89
N GLU A 202 15.29 -2.58 7.97
CA GLU A 202 16.76 -2.62 7.98
C GLU A 202 17.32 -4.04 7.78
N ALA A 203 16.68 -5.03 8.40
CA ALA A 203 17.11 -6.42 8.26
C ALA A 203 16.95 -6.90 6.83
N ILE A 204 15.86 -6.53 6.18
CA ILE A 204 15.65 -6.93 4.80
C ILE A 204 16.69 -6.25 3.91
N GLN A 205 16.90 -4.97 4.14
CA GLN A 205 17.87 -4.24 3.33
C GLN A 205 19.24 -4.89 3.46
N ASP A 206 19.61 -5.22 4.69
CA ASP A 206 20.91 -5.80 4.91
C ASP A 206 21.11 -7.08 4.13
N THR A 207 20.10 -7.95 4.15
CA THR A 207 20.11 -9.17 3.38
C THR A 207 20.26 -8.93 1.89
N ILE A 208 19.56 -7.93 1.37
CA ILE A 208 19.63 -7.62 -0.05
C ILE A 208 21.04 -7.20 -0.39
N LEU A 209 21.62 -6.38 0.46
CA LEU A 209 22.96 -5.90 0.21
C LEU A 209 24.01 -7.03 0.32
N ARG A 210 23.82 -8.00 1.23
N ARG A 210 23.81 -7.98 1.24
CA ARG A 210 24.73 -9.14 1.29
CA ARG A 210 24.70 -9.15 1.32
C ARG A 210 24.59 -9.96 0.02
C ARG A 210 24.59 -9.94 0.02
N ALA A 211 23.35 -10.09 -0.46
CA ALA A 211 23.06 -10.80 -1.69
C ALA A 211 23.70 -10.09 -2.89
N LEU A 212 23.56 -8.77 -2.89
CA LEU A 212 24.19 -7.96 -3.94
C LEU A 212 25.71 -8.14 -3.94
N GLU A 213 26.34 -8.02 -2.78
CA GLU A 213 27.78 -8.26 -2.70
C GLU A 213 28.17 -9.61 -3.29
N PHE A 214 27.56 -10.69 -2.83
CA PHE A 214 27.89 -11.99 -3.38
C PHE A 214 27.61 -12.13 -4.89
N HIS A 215 26.53 -11.52 -5.36
CA HIS A 215 26.16 -11.61 -6.76
C HIS A 215 27.25 -10.95 -7.61
N LEU A 216 27.73 -9.80 -7.16
CA LEU A 216 28.75 -9.08 -7.90
C LEU A 216 30.08 -9.83 -7.95
N GLN A 217 30.43 -10.57 -6.89
CA GLN A 217 31.66 -11.34 -6.88
C GLN A 217 31.61 -12.45 -7.92
N ALA A 218 30.42 -13.01 -8.12
CA ALA A 218 30.21 -14.10 -9.06
C ALA A 218 30.08 -13.59 -10.48
N ASN A 219 29.32 -12.52 -10.65
CA ASN A 219 28.97 -12.00 -11.95
C ASN A 219 30.03 -11.06 -12.52
N HIS A 220 30.78 -10.39 -11.64
CA HIS A 220 31.81 -9.41 -12.08
C HIS A 220 33.13 -9.71 -11.36
N PRO A 221 33.70 -10.89 -11.62
CA PRO A 221 34.81 -11.40 -10.80
C PRO A 221 36.05 -10.51 -10.83
N ASP A 222 36.23 -9.75 -11.89
CA ASP A 222 37.41 -8.91 -12.04
C ASP A 222 37.15 -7.46 -11.63
N ALA A 223 35.90 -7.16 -11.34
CA ALA A 223 35.50 -5.78 -11.08
C ALA A 223 35.82 -5.34 -9.66
N GLN A 224 36.98 -4.70 -9.57
CA GLN A 224 37.48 -4.21 -8.30
C GLN A 224 36.68 -3.01 -7.82
N TYR A 225 36.24 -3.13 -6.57
CA TYR A 225 35.63 -2.06 -5.81
C TYR A 225 34.19 -1.80 -6.23
N LEU A 226 33.58 -2.73 -6.95
CA LEU A 226 32.26 -2.47 -7.51
C LEU A 226 31.21 -2.29 -6.42
N PHE A 227 31.30 -3.04 -5.32
CA PHE A 227 30.23 -3.00 -4.31
C PHE A 227 30.29 -1.66 -3.60
N PRO A 228 31.47 -1.26 -3.10
CA PRO A 228 31.49 0.09 -2.51
C PRO A 228 31.12 1.18 -3.50
N LYS A 229 31.54 1.07 -4.75
CA LYS A 229 31.08 2.05 -5.75
C LYS A 229 29.57 2.15 -5.82
N LEU A 230 28.87 1.01 -5.79
CA LEU A 230 27.43 1.05 -5.82
C LEU A 230 26.80 1.61 -4.54
N LEU A 231 27.45 1.41 -3.39
CA LEU A 231 26.94 2.03 -2.17
C LEU A 231 27.01 3.57 -2.36
N GLN A 232 28.11 4.04 -2.89
CA GLN A 232 28.25 5.45 -3.16
C GLN A 232 27.22 5.95 -4.18
N LYS A 233 26.87 5.13 -5.18
CA LYS A 233 25.84 5.55 -6.15
C LYS A 233 24.48 5.68 -5.47
N MET A 234 24.24 4.85 -4.47
N MET A 234 24.22 4.83 -4.49
CA MET A 234 23.00 4.94 -3.71
CA MET A 234 22.99 4.96 -3.72
C MET A 234 22.92 6.26 -2.95
C MET A 234 22.93 6.31 -3.00
N ALA A 235 24.05 6.71 -2.42
CA ALA A 235 24.12 8.01 -1.75
C ALA A 235 23.97 9.15 -2.80
N ASP A 236 24.58 8.97 -3.97
CA ASP A 236 24.48 9.97 -5.04
C ASP A 236 23.06 10.15 -5.55
N LEU A 237 22.33 9.04 -5.61
CA LEU A 237 20.92 9.08 -6.00
C LEU A 237 20.07 9.82 -5.00
N ARG A 238 20.39 9.72 -3.72
CA ARG A 238 19.62 10.48 -2.74
C ARG A 238 19.76 11.99 -3.00
N GLN A 239 20.99 12.42 -3.29
CA GLN A 239 21.28 13.83 -3.55
C GLN A 239 20.61 14.26 -4.87
N LEU A 240 20.66 13.38 -5.86
CA LEU A 240 20.01 13.65 -7.16
C LEU A 240 18.51 13.89 -6.98
N VAL A 241 17.88 13.09 -6.16
CA VAL A 241 16.45 13.18 -5.94
C VAL A 241 16.11 14.39 -5.08
N THR A 242 16.93 14.72 -4.06
CA THR A 242 16.76 15.97 -3.32
C THR A 242 16.74 17.18 -4.29
N GLU A 243 17.73 17.23 -5.18
CA GLU A 243 17.82 18.32 -6.15
C GLU A 243 16.60 18.33 -7.08
N HIS A 244 16.20 17.13 -7.50
CA HIS A 244 15.03 16.95 -8.33
C HIS A 244 13.78 17.51 -7.65
N ALA A 245 13.54 17.14 -6.39
CA ALA A 245 12.40 17.61 -5.64
C ALA A 245 12.42 19.13 -5.50
N GLN A 246 13.59 19.70 -5.28
CA GLN A 246 13.71 21.17 -5.18
C GLN A 246 13.29 21.83 -6.50
N MET A 247 13.73 21.25 -7.61
CA MET A 247 13.36 21.78 -8.91
C MET A 247 11.87 21.59 -9.17
N MET A 248 11.28 20.49 -8.72
CA MET A 248 9.84 20.32 -8.83
C MET A 248 9.07 21.34 -8.01
N GLN A 249 9.58 21.68 -6.83
CA GLN A 249 8.94 22.74 -6.04
C GLN A 249 8.93 24.09 -6.82
N ARG A 250 10.00 24.34 -7.54
CA ARG A 250 10.07 25.59 -8.29
C ARG A 250 9.11 25.55 -9.48
N ILE A 251 8.94 24.37 -10.09
CA ILE A 251 7.98 24.27 -11.19
C ILE A 251 6.55 24.52 -10.66
N LYS A 252 6.24 23.95 -9.51
CA LYS A 252 4.96 24.17 -8.89
C LYS A 252 4.73 25.65 -8.57
N LYS A 253 5.79 26.36 -8.18
CA LYS A 253 5.66 27.74 -7.78
C LYS A 253 5.53 28.66 -9.00
N THR A 254 6.33 28.41 -10.02
CA THR A 254 6.49 29.39 -11.09
C THR A 254 5.78 28.97 -12.39
N GLU A 255 5.46 27.68 -12.56
CA GLU A 255 4.77 27.21 -13.78
C GLU A 255 3.32 26.81 -13.46
N THR A 256 2.53 27.82 -13.11
CA THR A 256 1.21 27.60 -12.56
C THR A 256 0.21 27.02 -13.58
N GLU A 257 0.46 27.23 -14.87
CA GLU A 257 -0.27 26.57 -15.94
C GLU A 257 0.05 25.09 -16.18
N THR A 258 1.10 24.55 -15.55
CA THR A 258 1.49 23.18 -15.82
C THR A 258 0.85 22.23 -14.81
N SER A 259 0.21 21.17 -15.29
N SER A 259 0.15 21.20 -15.27
CA SER A 259 -0.47 20.24 -14.39
CA SER A 259 -0.50 20.29 -14.35
C SER A 259 0.48 19.20 -13.87
C SER A 259 0.50 19.26 -13.84
N LEU A 260 0.27 18.77 -12.63
CA LEU A 260 1.07 17.67 -12.07
C LEU A 260 0.12 16.50 -11.74
N HIS A 261 0.52 15.32 -12.17
CA HIS A 261 -0.29 14.13 -11.98
C HIS A 261 -0.58 13.90 -10.48
N PRO A 262 -1.84 13.56 -10.16
CA PRO A 262 -2.25 13.39 -8.77
C PRO A 262 -1.33 12.48 -7.93
N LEU A 263 -0.82 11.40 -8.50
CA LEU A 263 0.06 10.48 -7.74
C LEU A 263 1.39 11.13 -7.42
N LEU A 264 1.93 11.87 -8.39
CA LEU A 264 3.14 12.60 -8.15
C LEU A 264 2.88 13.70 -7.14
N GLN A 265 1.72 14.36 -7.16
CA GLN A 265 1.42 15.34 -6.11
C GLN A 265 1.53 14.67 -4.71
N GLU A 266 1.02 13.46 -4.62
CA GLU A 266 1.03 12.76 -3.32
C GLU A 266 2.47 12.41 -2.91
N ILE A 267 3.31 12.02 -3.88
CA ILE A 267 4.71 11.73 -3.57
C ILE A 267 5.43 12.97 -3.05
N TYR A 268 5.19 14.11 -3.70
CA TYR A 268 5.77 15.42 -3.34
C TYR A 268 4.91 16.25 -2.39
N LYS A 269 4.14 15.63 -1.52
CA LYS A 269 3.24 16.37 -0.62
C LYS A 269 4.00 17.08 0.52
N ASP A 270 5.28 17.38 0.33
CA ASP A 270 6.09 18.05 1.35
C ASP A 270 6.14 17.21 2.62
N ASP B 5 -21.32 -7.81 -14.11
CA ASP B 5 -22.29 -8.78 -13.62
C ASP B 5 -22.32 -8.73 -12.11
N LEU B 6 -23.38 -8.14 -11.54
CA LEU B 6 -23.46 -8.00 -10.09
C LEU B 6 -23.43 -9.31 -9.34
N LYS B 7 -24.02 -10.34 -9.94
CA LYS B 7 -24.05 -11.66 -9.33
C LYS B 7 -22.63 -12.17 -9.11
N ALA B 8 -21.81 -12.14 -10.15
CA ALA B 8 -20.47 -12.67 -10.03
C ALA B 8 -19.64 -11.76 -9.14
N PHE B 9 -19.87 -10.46 -9.27
CA PHE B 9 -19.23 -9.47 -8.43
C PHE B 9 -19.49 -9.80 -6.97
N SER B 10 -20.76 -10.01 -6.63
CA SER B 10 -21.09 -10.34 -5.24
C SER B 10 -20.52 -11.66 -4.77
N LYS B 11 -20.49 -12.67 -5.64
CA LYS B 11 -20.06 -14.00 -5.24
C LYS B 11 -18.57 -13.97 -4.95
N HIS B 12 -17.85 -13.18 -5.73
CA HIS B 12 -16.43 -12.98 -5.50
C HIS B 12 -16.17 -12.34 -4.13
N ILE B 13 -16.98 -11.36 -3.75
CA ILE B 13 -16.80 -10.69 -2.46
C ILE B 13 -17.15 -11.68 -1.32
N TYR B 14 -18.16 -12.51 -1.50
CA TYR B 14 -18.50 -13.52 -0.46
C TYR B 14 -17.38 -14.54 -0.29
N ASN B 15 -16.80 -14.97 -1.41
CA ASN B 15 -15.71 -15.94 -1.30
C ASN B 15 -14.48 -15.32 -0.65
N ALA B 16 -14.22 -14.06 -0.94
CA ALA B 16 -13.11 -13.33 -0.33
C ALA B 16 -13.30 -13.24 1.18
N TYR B 17 -14.53 -13.05 1.61
CA TYR B 17 -14.83 -12.96 3.02
C TYR B 17 -14.63 -14.31 3.71
N LEU B 18 -15.10 -15.38 3.08
CA LEU B 18 -14.95 -16.73 3.62
C LEU B 18 -13.49 -17.16 3.68
N LYS B 19 -12.72 -16.73 2.69
CA LYS B 19 -11.31 -17.07 2.60
C LYS B 19 -10.50 -16.32 3.65
N ASN B 20 -10.86 -15.09 3.99
CA ASN B 20 -9.99 -14.27 4.83
C ASN B 20 -10.36 -14.08 6.31
N PHE B 21 -11.59 -14.39 6.70
CA PHE B 21 -11.95 -14.28 8.11
C PHE B 21 -12.15 -15.65 8.75
N ASN B 22 -11.39 -15.94 9.79
CA ASN B 22 -11.48 -17.24 10.45
C ASN B 22 -12.85 -17.48 11.07
N MET B 23 -13.35 -16.52 11.82
CA MET B 23 -14.64 -16.68 12.50
C MET B 23 -15.74 -16.04 11.67
N THR B 24 -16.69 -16.84 11.19
CA THR B 24 -17.90 -16.37 10.52
C THR B 24 -19.05 -16.20 11.52
N LYS B 25 -20.06 -15.42 11.16
CA LYS B 25 -21.20 -15.27 12.04
C LYS B 25 -21.90 -16.60 12.27
N LYS B 26 -21.92 -17.43 11.24
CA LYS B 26 -22.55 -18.75 11.33
C LYS B 26 -21.86 -19.58 12.43
N LYS B 27 -20.55 -19.72 12.32
CA LYS B 27 -19.73 -20.38 13.36
C LYS B 27 -19.96 -19.77 14.73
N ALA B 28 -19.87 -18.45 14.81
CA ALA B 28 -20.04 -17.74 16.08
C ALA B 28 -21.39 -18.05 16.71
N ARG B 29 -22.47 -17.91 15.95
CA ARG B 29 -23.79 -18.13 16.51
C ARG B 29 -23.94 -19.61 16.94
N SER B 30 -23.22 -20.53 16.30
CA SER B 30 -23.30 -21.94 16.69
C SER B 30 -22.85 -22.07 18.13
N ILE B 31 -21.69 -21.47 18.39
CA ILE B 31 -21.05 -21.51 19.69
C ILE B 31 -21.89 -20.78 20.73
N LEU B 32 -22.33 -19.58 20.40
CA LEU B 32 -23.06 -18.72 21.33
C LEU B 32 -24.40 -19.30 21.79
N THR B 33 -24.97 -20.20 20.99
CA THR B 33 -26.22 -20.86 21.33
C THR B 33 -26.04 -22.32 21.74
N GLY B 34 -25.01 -22.97 21.21
CA GLY B 34 -24.76 -24.38 21.48
C GLY B 34 -25.43 -25.28 20.47
N ALA B 40 -18.84 -26.00 25.60
CA ALA B 40 -19.16 -24.58 25.51
C ALA B 40 -17.92 -23.79 25.84
N PRO B 41 -17.92 -22.47 25.56
CA PRO B 41 -16.63 -21.80 25.81
C PRO B 41 -16.44 -21.50 27.30
N PHE B 42 -15.19 -21.33 27.70
CA PHE B 42 -14.88 -21.01 29.09
C PHE B 42 -15.27 -19.58 29.43
N VAL B 43 -15.99 -19.40 30.52
CA VAL B 43 -16.49 -18.06 30.80
C VAL B 43 -15.53 -17.27 31.69
N ILE B 44 -15.13 -16.13 31.14
CA ILE B 44 -14.29 -15.17 31.81
C ILE B 44 -15.19 -14.10 32.36
N HIS B 45 -15.30 -14.04 33.69
CA HIS B 45 -16.23 -13.09 34.29
C HIS B 45 -15.61 -12.38 35.49
N ASP B 46 -14.34 -12.65 35.77
CA ASP B 46 -13.65 -12.03 36.91
C ASP B 46 -12.14 -12.28 36.81
N ILE B 47 -11.38 -11.81 37.79
CA ILE B 47 -9.92 -11.88 37.71
C ILE B 47 -9.45 -13.32 37.71
N GLU B 48 -10.00 -14.13 38.60
CA GLU B 48 -9.61 -15.51 38.65
C GLU B 48 -9.87 -16.26 37.34
N THR B 49 -11.01 -16.04 36.69
CA THR B 49 -11.27 -16.79 35.48
C THR B 49 -10.40 -16.21 34.35
N LEU B 50 -10.12 -14.91 34.40
CA LEU B 50 -9.23 -14.30 33.42
C LEU B 50 -7.84 -14.94 33.52
N TRP B 51 -7.37 -15.08 34.75
CA TRP B 51 -6.11 -15.76 35.00
C TRP B 51 -6.13 -17.23 34.53
N GLN B 52 -7.17 -17.96 34.85
CA GLN B 52 -7.29 -19.33 34.37
C GLN B 52 -7.31 -19.38 32.84
N ALA B 53 -7.95 -18.41 32.19
CA ALA B 53 -7.98 -18.41 30.74
C ALA B 53 -6.58 -18.16 30.15
N GLU B 54 -5.80 -17.27 30.75
CA GLU B 54 -4.45 -17.03 30.23
C GLU B 54 -3.57 -18.26 30.48
N LYS B 55 -3.79 -18.92 31.60
CA LYS B 55 -3.05 -20.14 31.89
C LYS B 55 -3.49 -21.28 30.96
N GLY B 56 -4.77 -21.25 30.55
CA GLY B 56 -5.45 -22.43 30.07
C GLY B 56 -6.11 -22.45 28.71
N LEU B 57 -6.37 -21.28 28.11
CA LEU B 57 -6.85 -21.15 26.71
C LEU B 57 -5.74 -20.79 25.72
N VAL B 58 -5.97 -21.21 24.48
CA VAL B 58 -5.02 -21.00 23.40
C VAL B 58 -5.40 -19.74 22.69
N TRP B 59 -4.61 -18.69 22.88
CA TRP B 59 -4.86 -17.41 22.26
C TRP B 59 -4.04 -17.29 20.98
N LYS B 60 -4.55 -16.51 20.02
CA LYS B 60 -3.82 -16.24 18.79
C LYS B 60 -2.48 -15.57 19.10
N GLN B 61 -2.50 -14.65 20.07
CA GLN B 61 -1.29 -13.96 20.52
C GLN B 61 -0.78 -14.50 21.86
N LEU B 62 0.43 -15.07 21.84
CA LEU B 62 1.05 -15.60 23.05
C LEU B 62 1.26 -14.51 24.10
N VAL B 63 0.89 -14.81 25.33
CA VAL B 63 0.82 -13.81 26.37
C VAL B 63 2.21 -13.22 26.67
N ASN B 64 3.26 -14.01 26.48
CA ASN B 64 4.62 -13.51 26.66
C ASN B 64 4.95 -12.44 25.58
N GLY B 65 4.13 -12.41 24.52
CA GLY B 65 4.31 -11.47 23.42
C GLY B 65 3.64 -10.12 23.65
N LEU B 66 2.74 -10.06 24.62
CA LEU B 66 2.10 -8.80 25.00
C LEU B 66 3.11 -7.88 25.68
N PRO B 67 2.87 -6.56 25.65
CA PRO B 67 3.74 -5.60 26.35
C PRO B 67 3.83 -5.97 27.83
N PRO B 68 4.88 -5.54 28.52
CA PRO B 68 5.01 -5.90 29.94
C PRO B 68 3.75 -5.60 30.71
N TYR B 69 3.45 -6.47 31.66
N TYR B 69 3.47 -6.48 31.65
CA TYR B 69 2.21 -6.37 32.38
CA TYR B 69 2.28 -6.37 32.48
C TYR B 69 2.16 -5.12 33.27
C TYR B 69 2.21 -5.04 33.21
N LYS B 70 1.00 -4.45 33.28
CA LYS B 70 0.76 -3.25 34.09
C LYS B 70 -0.32 -3.49 35.14
N GLU B 71 -1.53 -3.86 34.71
CA GLU B 71 -2.68 -4.09 35.61
C GLU B 71 -3.80 -4.78 34.83
N ILE B 72 -4.88 -5.18 35.50
CA ILE B 72 -5.91 -5.97 34.83
C ILE B 72 -6.58 -5.24 33.66
N SER B 73 -7.04 -4.02 33.90
CA SER B 73 -7.76 -3.28 32.88
C SER B 73 -6.89 -3.07 31.64
N VAL B 74 -5.59 -2.87 31.86
CA VAL B 74 -4.67 -2.60 30.74
C VAL B 74 -4.42 -3.89 30.00
N HIS B 75 -4.29 -4.97 30.76
CA HIS B 75 -4.20 -6.28 30.17
C HIS B 75 -5.36 -6.59 29.24
N VAL B 76 -6.59 -6.24 29.63
CA VAL B 76 -7.75 -6.51 28.81
C VAL B 76 -7.63 -5.64 27.56
N PHE B 77 -7.20 -4.41 27.76
CA PHE B 77 -7.00 -3.48 26.64
C PHE B 77 -5.98 -4.01 25.62
N TYR B 78 -4.89 -4.59 26.13
CA TYR B 78 -3.88 -5.19 25.26
C TYR B 78 -4.48 -6.33 24.46
N ARG B 79 -5.27 -7.20 25.08
CA ARG B 79 -5.97 -8.24 24.32
C ARG B 79 -6.94 -7.66 23.27
N CYS B 80 -7.57 -6.54 23.61
CA CYS B 80 -8.43 -5.89 22.62
C CYS B 80 -7.60 -5.42 21.43
N GLN B 81 -6.43 -4.85 21.71
CA GLN B 81 -5.55 -4.38 20.65
C GLN B 81 -5.04 -5.52 19.79
N CYS B 82 -4.69 -6.63 20.43
CA CYS B 82 -4.35 -7.86 19.70
C CYS B 82 -5.38 -8.20 18.64
N THR B 83 -6.63 -8.18 19.05
CA THR B 83 -7.68 -8.65 18.18
C THR B 83 -7.92 -7.62 17.08
N THR B 84 -7.87 -6.34 17.45
N THR B 84 -7.88 -6.32 17.39
CA THR B 84 -8.05 -5.30 16.46
CA THR B 84 -8.15 -5.36 16.32
C THR B 84 -7.03 -5.47 15.36
C THR B 84 -7.00 -5.32 15.32
N VAL B 85 -5.77 -5.57 15.75
CA VAL B 85 -4.69 -5.57 14.79
C VAL B 85 -4.80 -6.84 13.93
N GLU B 86 -5.16 -7.97 14.52
CA GLU B 86 -5.38 -9.20 13.74
C GLU B 86 -6.55 -9.01 12.75
N THR B 87 -7.59 -8.31 13.17
CA THR B 87 -8.69 -8.07 12.25
C THR B 87 -8.31 -7.04 11.17
N VAL B 88 -7.47 -6.06 11.46
CA VAL B 88 -6.97 -5.17 10.39
C VAL B 88 -6.23 -5.98 9.34
N ARG B 89 -5.45 -6.95 9.78
CA ARG B 89 -4.70 -7.81 8.84
C ARG B 89 -5.63 -8.61 7.93
N GLU B 90 -6.67 -9.22 8.50
CA GLU B 90 -7.66 -9.95 7.72
C GLU B 90 -8.43 -9.04 6.78
N LEU B 91 -8.78 -7.87 7.28
CA LEU B 91 -9.54 -6.91 6.46
C LEU B 91 -8.71 -6.46 5.27
N THR B 92 -7.41 -6.33 5.48
CA THR B 92 -6.49 -5.94 4.42
C THR B 92 -6.45 -7.02 3.34
N GLU B 93 -6.38 -8.27 3.76
CA GLU B 93 -6.33 -9.36 2.80
C GLU B 93 -7.68 -9.53 2.10
N PHE B 94 -8.78 -9.34 2.83
CA PHE B 94 -10.13 -9.31 2.23
C PHE B 94 -10.23 -8.23 1.14
N ALA B 95 -9.82 -7.03 1.48
CA ALA B 95 -9.91 -5.92 0.56
C ALA B 95 -9.05 -6.22 -0.67
N LYS B 96 -7.85 -6.74 -0.44
CA LYS B 96 -6.97 -7.05 -1.57
C LYS B 96 -7.50 -8.17 -2.46
N SER B 97 -8.40 -8.99 -1.94
CA SER B 97 -8.99 -10.09 -2.72
C SER B 97 -10.13 -9.59 -3.57
N ILE B 98 -10.39 -8.29 -3.52
CA ILE B 98 -11.39 -7.66 -4.37
C ILE B 98 -10.70 -6.93 -5.55
N PRO B 99 -10.83 -7.47 -6.79
CA PRO B 99 -10.10 -6.87 -7.92
C PRO B 99 -10.15 -5.33 -8.00
N SER B 100 -11.31 -4.71 -7.81
N SER B 100 -11.32 -4.72 -7.83
CA SER B 100 -11.45 -3.26 -7.91
CA SER B 100 -11.44 -3.27 -7.92
C SER B 100 -10.72 -2.48 -6.80
C SER B 100 -10.56 -2.57 -6.87
N PHE B 101 -10.51 -3.11 -5.66
CA PHE B 101 -9.71 -2.48 -4.61
C PHE B 101 -8.23 -2.56 -4.98
N SER B 102 -7.80 -3.73 -5.44
CA SER B 102 -6.39 -3.94 -5.75
C SER B 102 -5.92 -3.13 -6.96
N SER B 103 -6.85 -2.68 -7.79
N SER B 103 -6.87 -2.70 -7.79
CA SER B 103 -6.50 -1.86 -8.95
CA SER B 103 -6.58 -1.86 -8.96
C SER B 103 -6.35 -0.39 -8.59
C SER B 103 -6.34 -0.40 -8.59
N LEU B 104 -6.73 -0.02 -7.38
CA LEU B 104 -6.47 1.31 -6.86
C LEU B 104 -4.98 1.48 -6.59
N PHE B 105 -4.46 2.69 -6.71
CA PHE B 105 -3.07 2.94 -6.29
C PHE B 105 -2.93 2.57 -4.81
N LEU B 106 -1.75 2.07 -4.46
CA LEU B 106 -1.55 1.54 -3.13
C LEU B 106 -1.82 2.56 -2.01
N ASN B 107 -1.53 3.84 -2.26
CA ASN B 107 -1.80 4.89 -1.27
C ASN B 107 -3.27 5.10 -1.01
N ASP B 108 -4.08 5.00 -2.06
CA ASP B 108 -5.51 5.03 -1.84
C ASP B 108 -5.98 3.77 -1.10
N GLN B 109 -5.33 2.64 -1.32
CA GLN B 109 -5.69 1.44 -0.56
C GLN B 109 -5.47 1.69 0.93
N VAL B 110 -4.34 2.31 1.27
CA VAL B 110 -3.98 2.59 2.65
C VAL B 110 -4.95 3.62 3.26
N THR B 111 -5.32 4.63 2.50
CA THR B 111 -6.29 5.62 2.98
C THR B 111 -7.63 4.98 3.30
N LEU B 112 -8.10 4.09 2.42
CA LEU B 112 -9.39 3.44 2.64
C LEU B 112 -9.33 2.55 3.89
N LEU B 113 -8.25 1.80 4.04
CA LEU B 113 -8.12 0.93 5.21
C LEU B 113 -7.99 1.78 6.45
N LYS B 114 -7.14 2.80 6.41
CA LYS B 114 -6.91 3.63 7.58
C LYS B 114 -8.22 4.15 8.17
N TYR B 115 -9.08 4.68 7.30
CA TYR B 115 -10.31 5.32 7.77
C TYR B 115 -11.51 4.39 7.85
N GLY B 116 -11.37 3.19 7.30
CA GLY B 116 -12.45 2.22 7.23
C GLY B 116 -12.39 1.06 8.20
N VAL B 117 -11.19 0.66 8.63
CA VAL B 117 -11.11 -0.65 9.29
C VAL B 117 -11.85 -0.67 10.62
N HIS B 118 -11.86 0.42 11.38
CA HIS B 118 -12.60 0.37 12.65
C HIS B 118 -14.10 0.31 12.48
N GLU B 119 -14.65 1.00 11.49
CA GLU B 119 -16.07 0.83 11.20
C GLU B 119 -16.38 -0.61 10.83
N ALA B 120 -15.49 -1.23 10.07
CA ALA B 120 -15.72 -2.62 9.69
C ALA B 120 -15.57 -3.54 10.90
N ILE B 121 -14.57 -3.28 11.72
CA ILE B 121 -14.33 -4.09 12.93
C ILE B 121 -15.55 -4.03 13.84
N PHE B 122 -16.13 -2.84 14.03
CA PHE B 122 -17.23 -2.75 14.96
C PHE B 122 -18.50 -3.35 14.38
N ALA B 123 -18.61 -3.41 13.06
CA ALA B 123 -19.76 -4.07 12.45
C ALA B 123 -19.62 -5.58 12.57
N MET B 124 -18.43 -6.09 12.35
CA MET B 124 -18.19 -7.52 12.42
C MET B 124 -18.23 -8.03 13.87
N LEU B 125 -17.88 -7.16 14.77
CA LEU B 125 -17.91 -7.48 16.21
C LEU B 125 -19.27 -8.01 16.64
N ALA B 126 -20.33 -7.49 16.02
CA ALA B 126 -21.67 -7.91 16.39
C ALA B 126 -21.85 -9.43 16.21
N SER B 127 -21.10 -10.00 15.28
CA SER B 127 -21.20 -11.43 14.97
C SER B 127 -20.82 -12.34 16.15
N ILE B 128 -19.90 -11.87 16.98
CA ILE B 128 -19.45 -12.68 18.13
C ILE B 128 -19.99 -12.16 19.48
N VAL B 129 -21.01 -11.31 19.45
CA VAL B 129 -21.53 -10.61 20.62
C VAL B 129 -22.96 -11.04 20.87
N ASN B 130 -23.34 -11.21 22.15
CA ASN B 130 -24.75 -11.18 22.52
C ASN B 130 -24.89 -10.22 23.69
N LYS B 131 -26.09 -10.11 24.25
CA LYS B 131 -26.35 -9.06 25.24
C LYS B 131 -25.50 -9.28 26.49
N ASP B 132 -24.97 -10.50 26.64
CA ASP B 132 -24.26 -10.88 27.84
C ASP B 132 -22.73 -10.89 27.75
N GLY B 133 -22.18 -10.73 26.55
CA GLY B 133 -20.75 -10.75 26.39
C GLY B 133 -20.33 -11.09 24.98
N LEU B 134 -19.09 -11.53 24.84
CA LEU B 134 -18.56 -11.85 23.54
C LEU B 134 -17.54 -12.96 23.53
N LEU B 135 -17.45 -13.61 22.36
CA LEU B 135 -16.46 -14.67 22.15
C LEU B 135 -15.05 -14.12 22.05
N VAL B 136 -14.10 -14.84 22.66
CA VAL B 136 -12.69 -14.55 22.53
C VAL B 136 -11.93 -15.85 22.23
N ALA B 137 -10.67 -15.73 21.80
CA ALA B 137 -9.78 -16.86 21.62
C ALA B 137 -10.33 -17.88 20.65
N ASN B 138 -10.75 -17.39 19.50
CA ASN B 138 -11.25 -18.24 18.43
C ASN B 138 -12.47 -19.04 18.89
N GLY B 139 -13.24 -18.50 19.83
CA GLY B 139 -14.46 -19.16 20.25
C GLY B 139 -14.23 -20.06 21.46
N SER B 140 -12.98 -20.18 21.92
CA SER B 140 -12.63 -20.97 23.11
C SER B 140 -13.10 -20.35 24.41
N GLY B 141 -13.29 -19.03 24.40
CA GLY B 141 -13.65 -18.27 25.58
C GLY B 141 -14.84 -17.37 25.34
N PHE B 142 -15.47 -16.92 26.42
CA PHE B 142 -16.55 -15.95 26.38
C PHE B 142 -16.38 -14.97 27.54
N VAL B 143 -16.19 -13.69 27.22
CA VAL B 143 -15.99 -12.70 28.25
C VAL B 143 -17.31 -12.00 28.48
N THR B 144 -17.71 -11.83 29.74
CA THR B 144 -19.02 -11.25 30.03
C THR B 144 -18.95 -9.74 29.99
N ARG B 145 -20.07 -9.16 29.57
CA ARG B 145 -20.23 -7.74 29.44
C ARG B 145 -20.14 -7.07 30.83
N GLU B 146 -20.69 -7.74 31.83
CA GLU B 146 -20.59 -7.23 33.20
C GLU B 146 -19.13 -7.11 33.69
N PHE B 147 -18.29 -8.10 33.40
CA PHE B 147 -16.89 -8.00 33.73
C PHE B 147 -16.25 -6.85 33.01
N LEU B 148 -16.57 -6.65 31.72
CA LEU B 148 -15.96 -5.57 31.00
C LEU B 148 -16.42 -4.19 31.50
N ARG B 149 -17.69 -4.09 31.92
CA ARG B 149 -18.21 -2.89 32.59
C ARG B 149 -17.48 -2.57 33.88
N SER B 150 -16.95 -3.61 34.49
CA SER B 150 -16.34 -3.49 35.81
C SER B 150 -14.91 -2.94 35.77
N LEU B 151 -14.32 -2.85 34.59
CA LEU B 151 -12.96 -2.33 34.45
C LEU B 151 -12.98 -0.87 34.81
N ARG B 152 -11.82 -0.34 35.17
CA ARG B 152 -11.79 1.04 35.63
C ARG B 152 -11.88 1.93 34.42
N LYS B 153 -12.36 3.15 34.66
CA LYS B 153 -12.40 4.20 33.64
C LYS B 153 -10.96 4.47 33.20
N PRO B 154 -10.72 4.74 31.90
CA PRO B 154 -11.58 4.89 30.74
C PRO B 154 -11.79 3.61 29.93
N PHE B 155 -11.22 2.51 30.40
CA PHE B 155 -11.31 1.24 29.70
C PHE B 155 -12.74 0.65 29.63
N SER B 156 -13.52 0.74 30.69
CA SER B 156 -14.93 0.32 30.59
C SER B 156 -15.72 1.21 29.59
N ASP B 157 -15.41 2.51 29.57
CA ASP B 157 -16.16 3.47 28.73
C ASP B 157 -15.94 3.26 27.23
N ILE B 158 -14.78 2.72 26.86
CA ILE B 158 -14.48 2.47 25.46
C ILE B 158 -15.09 1.14 24.96
N ILE B 159 -15.54 0.31 25.88
CA ILE B 159 -16.09 -0.98 25.49
C ILE B 159 -17.62 -0.97 25.40
N GLU B 160 -18.29 -0.39 26.38
CA GLU B 160 -19.72 -0.57 26.49
C GLU B 160 -20.49 -0.05 25.24
N PRO B 161 -20.09 1.10 24.66
CA PRO B 161 -20.87 1.59 23.49
C PRO B 161 -20.93 0.61 22.31
N LYS B 162 -19.94 -0.27 22.22
CA LYS B 162 -19.88 -1.22 21.13
C LYS B 162 -20.93 -2.29 21.30
N PHE B 163 -21.16 -2.73 22.54
CA PHE B 163 -22.24 -3.67 22.79
C PHE B 163 -23.58 -3.06 22.45
N GLU B 164 -23.77 -1.81 22.82
CA GLU B 164 -25.06 -1.14 22.54
C GLU B 164 -25.34 -1.12 21.03
N PHE B 165 -24.32 -0.80 20.24
CA PHE B 165 -24.44 -0.85 18.79
C PHE B 165 -24.69 -2.28 18.30
N ALA B 166 -23.94 -3.23 18.84
CA ALA B 166 -23.97 -4.60 18.37
C ALA B 166 -25.29 -5.27 18.56
N VAL B 167 -25.95 -5.07 19.70
CA VAL B 167 -27.18 -5.79 19.95
C VAL B 167 -28.26 -5.23 19.02
N LYS B 168 -28.24 -3.93 18.76
CA LYS B 168 -29.21 -3.36 17.83
C LYS B 168 -28.94 -3.87 16.41
N PHE B 169 -27.67 -4.00 16.07
CA PHE B 169 -27.28 -4.44 14.72
C PHE B 169 -27.68 -5.90 14.50
N ASN B 170 -27.46 -6.75 15.49
CA ASN B 170 -27.88 -8.15 15.41
C ASN B 170 -29.40 -8.35 15.27
N ALA B 171 -30.18 -7.37 15.68
CA ALA B 171 -31.61 -7.44 15.48
C ALA B 171 -31.97 -7.38 13.96
N LEU B 172 -31.05 -6.94 13.11
CA LEU B 172 -31.29 -6.98 11.66
C LEU B 172 -31.16 -8.38 11.10
N GLU B 173 -30.53 -9.26 11.85
CA GLU B 173 -30.38 -10.66 11.47
C GLU B 173 -29.74 -10.88 10.12
N LEU B 174 -28.64 -10.17 9.86
CA LEU B 174 -27.85 -10.43 8.66
C LEU B 174 -27.12 -11.76 8.75
N ASP B 175 -26.90 -12.39 7.59
CA ASP B 175 -25.98 -13.53 7.52
C ASP B 175 -24.65 -13.14 6.88
N ASP B 176 -23.75 -14.12 6.73
CA ASP B 176 -22.40 -13.84 6.28
C ASP B 176 -22.38 -13.28 4.84
N SER B 177 -23.30 -13.75 4.00
CA SER B 177 -23.34 -13.28 2.62
C SER B 177 -23.70 -11.79 2.60
N ASP B 178 -24.61 -11.37 3.47
CA ASP B 178 -24.95 -9.94 3.61
C ASP B 178 -23.77 -9.15 4.14
N LEU B 179 -23.13 -9.66 5.21
CA LEU B 179 -22.03 -8.96 5.84
C LEU B 179 -20.86 -8.74 4.91
N ALA B 180 -20.60 -9.68 4.03
CA ALA B 180 -19.46 -9.56 3.12
C ALA B 180 -19.61 -8.29 2.28
N LEU B 181 -20.82 -8.09 1.78
CA LEU B 181 -21.08 -6.92 0.95
C LEU B 181 -21.09 -5.63 1.78
N PHE B 182 -21.71 -5.70 2.95
CA PHE B 182 -21.74 -4.57 3.88
C PHE B 182 -20.32 -4.10 4.24
N ILE B 183 -19.46 -5.01 4.63
CA ILE B 183 -18.08 -4.60 4.96
C ILE B 183 -17.34 -4.03 3.76
N ALA B 184 -17.52 -4.64 2.60
CA ALA B 184 -16.89 -4.12 1.40
C ALA B 184 -17.37 -2.69 1.15
N ALA B 185 -18.65 -2.41 1.38
CA ALA B 185 -19.16 -1.06 1.23
C ALA B 185 -18.55 -0.08 2.21
N ILE B 186 -18.26 -0.52 3.44
CA ILE B 186 -17.60 0.34 4.40
C ILE B 186 -16.14 0.70 4.02
N ILE B 187 -15.43 -0.25 3.46
CA ILE B 187 -14.03 -0.03 3.11
C ILE B 187 -13.96 0.82 1.85
N LEU B 188 -14.80 0.50 0.87
CA LEU B 188 -14.76 1.23 -0.41
C LEU B 188 -15.64 2.44 -0.33
N CYS B 189 -15.18 3.45 0.39
CA CYS B 189 -15.96 4.62 0.74
C CYS B 189 -15.31 5.87 0.20
N GLY B 190 -15.99 6.61 -0.66
CA GLY B 190 -15.41 7.76 -1.35
C GLY B 190 -15.27 8.98 -0.49
N ASP B 191 -15.77 8.90 0.75
CA ASP B 191 -15.76 10.06 1.65
C ASP B 191 -14.45 10.23 2.43
N ARG B 192 -13.54 9.26 2.34
CA ARG B 192 -12.41 9.26 3.27
C ARG B 192 -11.48 10.45 3.00
N PRO B 193 -10.96 11.07 4.07
CA PRO B 193 -10.06 12.21 3.86
C PRO B 193 -8.78 11.85 3.11
N GLY B 194 -8.38 12.74 2.20
CA GLY B 194 -7.14 12.65 1.48
C GLY B 194 -7.11 11.58 0.40
N LEU B 195 -8.27 11.03 0.04
CA LEU B 195 -8.31 10.11 -1.09
C LEU B 195 -7.89 10.81 -2.37
N MET B 196 -7.15 10.09 -3.19
CA MET B 196 -6.66 10.64 -4.43
C MET B 196 -7.69 10.48 -5.55
N ASN B 197 -8.12 9.26 -5.81
CA ASN B 197 -9.04 9.03 -6.93
C ASN B 197 -10.48 8.86 -6.41
N VAL B 198 -11.09 9.96 -5.98
CA VAL B 198 -12.43 9.93 -5.39
C VAL B 198 -13.49 9.37 -6.36
N PRO B 199 -13.48 9.79 -7.63
CA PRO B 199 -14.56 9.26 -8.49
C PRO B 199 -14.47 7.77 -8.74
N ARG B 200 -13.27 7.22 -8.80
CA ARG B 200 -13.15 5.78 -8.98
C ARG B 200 -13.67 5.07 -7.72
N VAL B 201 -13.33 5.58 -6.55
CA VAL B 201 -13.77 4.89 -5.34
C VAL B 201 -15.31 5.03 -5.19
N GLU B 202 -15.85 6.20 -5.47
CA GLU B 202 -17.31 6.40 -5.46
C GLU B 202 -18.01 5.43 -6.41
N ALA B 203 -17.44 5.19 -7.58
CA ALA B 203 -18.06 4.31 -8.55
C ALA B 203 -18.05 2.88 -8.05
N ILE B 204 -16.95 2.48 -7.41
CA ILE B 204 -16.88 1.12 -6.86
C ILE B 204 -17.91 0.95 -5.71
N GLN B 205 -17.96 1.96 -4.84
CA GLN B 205 -18.87 1.94 -3.72
C GLN B 205 -20.29 1.84 -4.22
N ASP B 206 -20.58 2.55 -5.29
CA ASP B 206 -21.94 2.51 -5.80
C ASP B 206 -22.30 1.12 -6.34
N THR B 207 -21.36 0.46 -7.01
CA THR B 207 -21.58 -0.89 -7.47
C THR B 207 -21.80 -1.86 -6.32
N ILE B 208 -20.98 -1.75 -5.28
CA ILE B 208 -21.15 -2.60 -4.11
C ILE B 208 -22.51 -2.40 -3.46
N LEU B 209 -22.94 -1.14 -3.30
CA LEU B 209 -24.27 -0.87 -2.76
C LEU B 209 -25.41 -1.39 -3.65
N ARG B 210 -25.26 -1.31 -4.99
CA ARG B 210 -26.25 -1.90 -5.87
C ARG B 210 -26.30 -3.43 -5.67
N ALA B 211 -25.14 -4.04 -5.57
CA ALA B 211 -25.03 -5.48 -5.31
C ALA B 211 -25.70 -5.86 -3.99
N LEU B 212 -25.45 -5.07 -2.97
CA LEU B 212 -26.04 -5.33 -1.65
C LEU B 212 -27.56 -5.23 -1.71
N GLU B 213 -28.09 -4.21 -2.35
CA GLU B 213 -29.54 -4.11 -2.44
C GLU B 213 -30.16 -5.30 -3.17
N PHE B 214 -29.56 -5.68 -4.30
CA PHE B 214 -29.99 -6.82 -5.09
C PHE B 214 -29.91 -8.07 -4.21
N HIS B 215 -28.77 -8.23 -3.54
CA HIS B 215 -28.59 -9.38 -2.65
C HIS B 215 -29.67 -9.45 -1.56
N LEU B 216 -29.89 -8.37 -0.84
CA LEU B 216 -30.91 -8.37 0.21
C LEU B 216 -32.32 -8.66 -0.32
N GLN B 217 -32.59 -8.30 -1.58
CA GLN B 217 -33.91 -8.57 -2.13
C GLN B 217 -34.08 -10.08 -2.24
N ALA B 218 -33.05 -10.74 -2.72
CA ALA B 218 -33.05 -12.19 -2.88
C ALA B 218 -33.01 -12.91 -1.51
N ASN B 219 -32.06 -12.52 -0.68
CA ASN B 219 -31.78 -13.21 0.57
C ASN B 219 -32.78 -12.94 1.71
N HIS B 220 -33.39 -11.76 1.74
CA HIS B 220 -34.35 -11.38 2.79
C HIS B 220 -35.65 -10.84 2.16
N PRO B 221 -36.39 -11.69 1.43
CA PRO B 221 -37.53 -11.22 0.62
C PRO B 221 -38.61 -10.49 1.40
N ASP B 222 -38.79 -10.86 2.66
CA ASP B 222 -39.87 -10.32 3.47
C ASP B 222 -39.44 -9.19 4.38
N ALA B 223 -38.14 -8.90 4.40
CA ALA B 223 -37.63 -7.85 5.27
C ALA B 223 -38.08 -6.48 4.76
N GLN B 224 -38.48 -5.62 5.69
CA GLN B 224 -38.98 -4.29 5.37
C GLN B 224 -37.93 -3.21 5.60
N TYR B 225 -37.57 -2.50 4.54
CA TYR B 225 -36.68 -1.34 4.63
C TYR B 225 -35.27 -1.71 5.05
N LEU B 226 -34.84 -2.93 4.76
CA LEU B 226 -33.57 -3.41 5.29
C LEU B 226 -32.40 -2.66 4.65
N PHE B 227 -32.50 -2.29 3.37
CA PHE B 227 -31.38 -1.62 2.74
C PHE B 227 -31.19 -0.23 3.38
N PRO B 228 -32.23 0.60 3.42
CA PRO B 228 -32.06 1.92 4.07
C PRO B 228 -31.67 1.80 5.55
N LYS B 229 -32.18 0.79 6.23
CA LYS B 229 -31.75 0.54 7.60
C LYS B 229 -30.22 0.34 7.66
N LEU B 230 -29.65 -0.42 6.73
CA LEU B 230 -28.21 -0.63 6.72
C LEU B 230 -27.43 0.61 6.33
N LEU B 231 -28.02 1.45 5.46
CA LEU B 231 -27.36 2.70 5.11
C LEU B 231 -27.26 3.55 6.38
N GLN B 232 -28.30 3.53 7.17
CA GLN B 232 -28.30 4.25 8.44
C GLN B 232 -27.26 3.65 9.42
N LYS B 233 -27.06 2.34 9.38
CA LYS B 233 -26.05 1.71 10.27
C LYS B 233 -24.66 2.14 9.86
N MET B 234 -24.42 2.28 8.56
CA MET B 234 -23.16 2.83 8.10
C MET B 234 -22.92 4.23 8.67
N ALA B 235 -23.96 5.05 8.68
CA ALA B 235 -23.85 6.38 9.26
C ALA B 235 -23.57 6.26 10.76
N ASP B 236 -24.30 5.36 11.41
CA ASP B 236 -24.13 5.12 12.83
C ASP B 236 -22.71 4.68 13.18
N LEU B 237 -22.12 3.83 12.33
CA LEU B 237 -20.76 3.34 12.60
C LEU B 237 -19.76 4.48 12.53
N ARG B 238 -20.00 5.45 11.64
CA ARG B 238 -19.08 6.57 11.53
C ARG B 238 -19.04 7.37 12.82
N GLN B 239 -20.22 7.58 13.41
CA GLN B 239 -20.32 8.29 14.68
C GLN B 239 -19.65 7.46 15.80
N LEU B 240 -19.87 6.16 15.78
CA LEU B 240 -19.27 5.28 16.82
C LEU B 240 -17.75 5.37 16.79
N VAL B 241 -17.19 5.39 15.59
CA VAL B 241 -15.74 5.40 15.45
C VAL B 241 -15.15 6.78 15.80
N THR B 242 -15.80 7.86 15.43
CA THR B 242 -15.45 9.20 15.94
C THR B 242 -15.34 9.25 17.46
N GLU B 243 -16.34 8.73 18.14
N GLU B 243 -16.37 8.76 18.13
CA GLU B 243 -16.34 8.71 19.60
CA GLU B 243 -16.38 8.66 19.60
C GLU B 243 -15.26 7.78 20.13
C GLU B 243 -15.19 7.84 20.05
N HIS B 244 -15.05 6.66 19.44
CA HIS B 244 -13.98 5.74 19.81
C HIS B 244 -12.59 6.40 19.71
N ALA B 245 -12.34 7.11 18.61
CA ALA B 245 -11.08 7.80 18.37
C ALA B 245 -10.86 8.86 19.44
N GLN B 246 -11.95 9.52 19.86
CA GLN B 246 -11.82 10.55 20.90
C GLN B 246 -11.37 9.90 22.19
N MET B 247 -11.97 8.77 22.50
CA MET B 247 -11.60 8.04 23.69
C MET B 247 -10.16 7.52 23.63
N MET B 248 -9.73 7.04 22.48
CA MET B 248 -8.35 6.60 22.34
C MET B 248 -7.39 7.77 22.53
N GLN B 249 -7.75 8.96 22.04
N GLN B 249 -7.77 8.96 22.03
CA GLN B 249 -6.89 10.12 22.24
CA GLN B 249 -6.95 10.15 22.22
C GLN B 249 -6.77 10.45 23.72
C GLN B 249 -6.77 10.44 23.70
N ARG B 250 -7.85 10.29 24.46
CA ARG B 250 -7.80 10.55 25.88
C ARG B 250 -6.93 9.52 26.61
N ILE B 251 -6.94 8.28 26.13
CA ILE B 251 -6.09 7.25 26.72
C ILE B 251 -4.62 7.57 26.47
N LYS B 252 -4.29 7.95 25.23
CA LYS B 252 -2.95 8.33 24.85
C LYS B 252 -2.41 9.41 25.79
N LYS B 253 -3.25 10.39 26.12
CA LYS B 253 -2.84 11.56 26.91
C LYS B 253 -2.77 11.28 28.41
N THR B 254 -3.63 10.40 28.92
CA THR B 254 -3.77 10.24 30.36
C THR B 254 -3.33 8.88 30.93
N GLU B 255 -3.10 7.90 30.07
CA GLU B 255 -2.66 6.57 30.52
C GLU B 255 -1.28 6.31 29.96
N THR B 256 -0.29 6.99 30.50
CA THR B 256 1.01 7.00 29.86
C THR B 256 1.76 5.68 29.99
N GLU B 257 1.31 4.83 30.92
CA GLU B 257 1.92 3.51 31.08
C GLU B 257 1.37 2.50 30.08
N THR B 258 0.31 2.88 29.38
CA THR B 258 -0.35 1.94 28.48
C THR B 258 0.26 2.03 27.09
N SER B 259 0.70 0.90 26.53
CA SER B 259 1.31 0.90 25.21
C SER B 259 0.22 0.89 24.14
N LEU B 260 0.50 1.53 23.02
CA LEU B 260 -0.41 1.48 21.89
C LEU B 260 0.39 0.89 20.74
N HIS B 261 -0.17 -0.14 20.13
CA HIS B 261 0.45 -0.84 19.05
C HIS B 261 0.81 0.14 17.92
N PRO B 262 2.02 0.02 17.36
CA PRO B 262 2.50 0.93 16.32
C PRO B 262 1.49 1.16 15.14
N LEU B 263 0.86 0.10 14.68
CA LEU B 263 -0.12 0.22 13.59
C LEU B 263 -1.33 1.06 14.01
N LEU B 264 -1.82 0.87 15.25
CA LEU B 264 -2.92 1.68 15.73
C LEU B 264 -2.45 3.11 15.92
N GLN B 265 -1.20 3.33 16.32
CA GLN B 265 -0.70 4.70 16.42
C GLN B 265 -0.82 5.39 15.03
N GLU B 266 -0.42 4.68 13.99
CA GLU B 266 -0.52 5.25 12.63
C GLU B 266 -1.96 5.51 12.22
N ILE B 267 -2.88 4.60 12.55
CA ILE B 267 -4.29 4.87 12.26
C ILE B 267 -4.80 6.12 12.99
N TYR B 268 -4.44 6.30 14.27
CA TYR B 268 -4.91 7.45 15.08
C TYR B 268 -3.94 8.63 15.05
N LYS B 269 -3.00 8.60 14.12
CA LYS B 269 -1.90 9.58 14.06
C LYS B 269 -2.41 11.02 14.17
N ASP B 270 -3.49 11.34 13.45
CA ASP B 270 -4.02 12.71 13.45
C ASP B 270 -4.94 12.97 14.64
C4 7UA C . 14.30 11.53 -18.28
C5 7UA C . 13.16 12.03 -17.65
C6 7UA C . 11.78 11.40 -17.81
C7 7UA C . 12.13 14.73 -15.46
C8 7UA C . 10.73 15.19 -15.15
C10 7UA C . 8.86 14.90 -13.61
C13 7UA C . 12.24 8.94 -17.32
C15 7UA C . 11.18 10.46 -20.64
C17 7UA C . 10.02 10.14 -21.31
C20 7UA C . 11.62 12.21 -22.24
C21 7UA C . 10.03 12.67 -24.13
C22 7UA C . 12.51 9.34 -15.88
C24 7UA C . 8.98 12.31 -24.98
C26 7UA C . 8.94 13.22 -26.00
O3 7UA C . 11.56 8.37 -19.73
C14 7UA C . 11.54 9.57 -19.49
C18 7UA C . 9.64 10.86 -22.43
C19 7UA C . 10.43 11.91 -22.89
C25 7UA C . 10.67 13.76 -24.67
O4 7UA C . 9.97 14.12 -25.82
C16 7UA C . 12.01 11.48 -21.09
N 7UA C . 11.82 10.00 -18.27
C23 7UA C . 11.19 8.66 -16.26
C3 7UA C . 15.52 12.19 -18.09
C2 7UA C . 15.60 13.30 -17.29
C1 7UA C . 14.48 13.78 -16.64
C 7UA C . 13.25 13.15 -16.86
O 7UA C . 12.11 13.57 -16.28
C9 7UA C . 10.03 14.17 -14.26
C11 7UA C . 7.94 13.87 -12.97
C12 7UA C . 8.41 13.35 -11.61
O1 7UA C . 7.90 12.31 -11.23
O2 7UA C . 9.22 13.93 -10.89
H3 7UA C . 14.23 10.66 -18.92
H5 7UA C . 11.21 11.98 -18.53
H4 7UA C . 11.25 11.44 -16.85
H6 7UA C . 12.68 15.53 -15.98
H7 7UA C . 12.67 14.51 -14.54
H9 7UA C . 10.77 16.16 -14.64
H8 7UA C . 10.17 15.32 -16.07
H12 7UA C . 9.23 15.59 -12.84
H13 7UA C . 8.31 15.48 -14.34
H16 7UA C . 12.77 8.04 -17.69
H18 7UA C . 9.39 9.32 -20.95
H20 7UA C . 12.24 13.02 -22.61
H22 7UA C . 13.24 8.73 -15.34
H21 7UA C . 12.45 10.41 -15.68
H25 7UA C . 8.30 11.49 -24.81
H27 7UA C . 8.22 13.23 -26.82
H19 7UA C . 8.71 10.62 -22.95
H26 7UA C . 11.52 14.27 -24.25
H17 7UA C . 12.93 11.71 -20.59
H23 7UA C . 10.31 9.29 -16.27
H24 7UA C . 11.10 7.61 -15.95
H2 7UA C . 16.41 11.80 -18.58
H1 7UA C . 16.55 13.78 -17.14
H 7UA C . 14.53 14.67 -16.02
H10 7UA C . 9.66 13.33 -14.86
H11 7UA C . 10.71 13.78 -13.50
H15 7UA C . 6.95 14.32 -12.85
H14 7UA C . 7.84 13.03 -13.66
C1 PGO D . 11.20 12.49 -3.01
C2 PGO D . 10.05 13.24 -2.43
C3 PGO D . 9.35 12.34 -1.41
O1 PGO D . 11.43 11.38 -2.18
O2 PGO D . 9.15 13.50 -3.45
H11 PGO D . 10.96 12.19 -3.92
H12 PGO D . 11.99 13.06 -3.05
H2 PGO D . 10.35 14.06 -2.00
H31 PGO D . 9.94 12.21 -0.65
H32 PGO D . 9.16 11.48 -1.82
H33 PGO D . 8.52 12.76 -1.12
HO1 PGO D . 12.00 10.83 -2.59
HO2 PGO D . 8.39 13.78 -3.10
C1 PEG E . 3.19 19.19 -30.45
O1 PEG E . 4.37 18.97 -31.22
C2 PEG E . 2.41 17.87 -30.27
O2 PEG E . 1.07 18.18 -29.88
C3 PEG E . 0.33 17.12 -29.21
C4 PEG E . -1.00 17.58 -28.79
O4 PEG E . -1.32 17.06 -27.52
H11 PEG E . 2.63 19.84 -30.90
H12 PEG E . 3.44 19.53 -29.56
HO1 PEG E . 4.81 19.73 -31.29
H21 PEG E . 2.83 17.33 -29.59
H22 PEG E . 2.39 17.39 -31.12
H31 PEG E . 0.83 16.81 -28.44
H32 PEG E . 0.22 16.37 -29.84
H41 PEG E . -1.00 18.55 -28.75
H42 PEG E . -1.66 17.29 -29.43
HO4 PEG E . -2.15 17.09 -27.42
C1 PGO F . 12.23 2.89 -16.85
C2 PGO F . 12.06 4.39 -16.79
C3 PGO F . 11.85 4.89 -18.20
O1 PGO F . 13.11 2.59 -17.91
O2 PGO F . 13.21 4.95 -16.21
H11 PGO F . 11.37 2.46 -17.02
H12 PGO F . 12.60 2.56 -16.01
H2 PGO F . 11.28 4.60 -16.23
H31 PGO F . 12.69 4.91 -18.68
H32 PGO F . 11.47 5.79 -18.17
H33 PGO F . 11.22 4.31 -18.67
HO1 PGO F . 13.17 1.71 -18.01
HO2 PGO F . 13.14 4.95 -15.33
C5 B7G G . -2.43 6.83 -15.92
O5 B7G G . -1.74 8.10 -16.23
C1 B7G G . -0.53 7.97 -17.06
C2 B7G G . 0.35 6.77 -16.73
C3 B7G G . -0.44 5.54 -16.47
C4 B7G G . -1.46 5.77 -15.43
C6 B7G G . -3.52 7.06 -14.92
O1 B7G G . 0.24 9.12 -16.87
C7 B7G G . -0.23 10.32 -17.50
C8 B7G G . 0.61 11.52 -16.99
C9 B7G G . 0.49 12.75 -17.93
C10 B7G G . 0.61 14.11 -17.19
C11 B7G G . -0.69 14.26 -16.35
C12 B7G G . -0.68 15.59 -15.56
O2 B7G G . 1.26 6.55 -17.81
O3 B7G G . 0.45 4.44 -16.07
O4 B7G G . -2.17 4.56 -15.13
O6 B7G G . -3.05 6.94 -13.60
C13 B7G G . -1.96 15.71 -14.70
H5 B7G G . -2.83 6.51 -16.75
H1 B7G G . -0.79 7.93 -17.99
H2 B7G G . 0.86 6.98 -15.92
H3 B7G G . -0.88 5.28 -17.29
H4 B7G G . -1.01 6.09 -14.61
H61 B7G G . -3.88 7.96 -15.05
H62 B7G G . -4.23 6.40 -15.07
H71 B7G G . -0.13 10.24 -18.47
H72 B7G G . -1.18 10.47 -17.29
H81 B7G G . 0.31 11.78 -16.10
H82 B7G G . 1.55 11.26 -16.94
H91 B7G G . -0.37 12.73 -18.38
H92 B7G G . 1.20 12.69 -18.60
H101 B7G G . 0.69 14.84 -17.83
H102 B7G G . 1.41 14.11 -16.59
H111 B7G G . -0.75 13.52 -15.71
H112 B7G G . -1.46 14.24 -16.94
H121 B7G G . 0.10 15.62 -14.99
H122 B7G G . -0.65 16.35 -16.20
HO2 B7G G . 1.60 7.34 -18.07
HO3 B7G G . 1.20 4.79 -15.72
HO4 B7G G . -2.42 4.56 -14.27
HO6 B7G G . -3.34 7.62 -13.12
H131 B7G G . -1.96 16.58 -14.25
H132 B7G G . -2.74 15.63 -15.28
H133 B7G G . -1.97 14.99 -14.05
C1 PEG H . -3.61 17.59 -12.00
O1 PEG H . -4.73 17.02 -12.64
C2 PEG H . -3.64 19.13 -11.96
O2 PEG H . -2.37 19.62 -11.48
C3 PEG H . -2.34 21.03 -11.12
C4 PEG H . -0.98 21.44 -10.79
O4 PEG H . -0.51 20.80 -9.63
H11 PEG H . -2.79 17.31 -12.47
H12 PEG H . -3.57 17.24 -11.08
HO1 PEG H . -4.90 16.24 -12.30
H21 PEG H . -4.35 19.42 -11.35
H22 PEG H . -3.81 19.48 -12.86
H31 PEG H . -2.91 21.16 -10.34
H32 PEG H . -2.67 21.56 -11.86
H41 PEG H . -0.39 21.22 -11.53
H42 PEG H . -0.97 22.39 -10.65
HO4 PEG H . 0.03 21.31 -9.23
C1 PGO I . 21.26 6.19 -30.77
C2 PGO I . 20.38 5.89 -31.95
C3 PGO I . 20.13 7.17 -32.73
O1 PGO I . 21.32 5.03 -29.99
O2 PGO I . 19.20 5.31 -31.43
H11 PGO I . 20.89 6.93 -30.25
H12 PGO I . 22.16 6.44 -31.08
H2 PGO I . 20.83 5.24 -32.53
H31 PGO I . 19.54 7.76 -32.21
H32 PGO I . 19.70 6.95 -33.58
H33 PGO I . 20.97 7.62 -32.90
HO1 PGO I . 22.14 4.91 -29.68
HO2 PGO I . 18.49 5.78 -31.69
C5 B7G J . -0.28 8.21 2.10
O5 B7G J . -0.02 8.38 0.66
C1 B7G J . 1.11 9.27 0.42
C2 B7G J . 0.83 10.65 0.97
C3 B7G J . 0.48 10.53 2.43
C4 B7G J . -0.64 9.58 2.70
C6 B7G J . -1.34 7.15 2.24
O1 B7G J . 1.38 9.27 -0.96
C7 B7G J . 2.21 8.18 -1.41
C8 B7G J . 2.26 8.16 -2.94
C9 B7G J . 3.23 7.07 -3.43
C10 B7G J . 2.51 5.73 -3.68
C11 B7G J . 3.42 4.82 -4.56
C12 B7G J . 2.78 3.42 -4.69
O2 B7G J . 2.02 11.47 0.81
O3 B7G J . 0.16 11.86 2.95
O4 B7G J . -0.94 9.42 4.12
O6 B7G J . -2.52 7.62 1.63
C13 B7G J . 1.57 3.40 -5.64
H5 B7G J . 0.53 7.88 2.52
H1 B7G J . 1.89 8.90 0.87
H2 B7G J . 0.08 11.06 0.49
H3 B7G J . 1.27 10.21 2.90
H4 B7G J . -1.45 9.91 2.25
H61 B7G J . -1.06 6.33 1.78
H62 B7G J . -1.52 6.96 3.18
H71 B7G J . 1.84 7.33 -1.10
H72 B7G J . 3.13 8.28 -1.05
H81 B7G J . 1.37 7.99 -3.30
H82 B7G J . 2.58 9.04 -3.26
H91 B7G J . 3.64 7.37 -4.25
H92 B7G J . 3.94 6.94 -2.75
H101 B7G J . 2.31 5.28 -2.84
H102 B7G J . 1.66 5.89 -4.16
H111 B7G J . 3.53 5.22 -5.45
H112 B7G J . 4.29 4.74 -4.13
H121 B7G J . 2.48 3.13 -3.80
H122 B7G J . 3.45 2.79 -5.02
HO2 B7G J . 1.83 12.13 0.21
HO3 B7G J . 0.90 12.22 3.32
HO4 B7G J . -0.22 9.66 4.60
HO6 B7G J . -3.22 7.19 1.95
H131 B7G J . 1.16 2.49 -5.65
H132 B7G J . 0.90 4.05 -5.34
H133 B7G J . 1.86 3.63 -6.54
C1 PGO K . -0.16 -7.50 6.51
C1 PGO K . -0.65 -6.20 5.86
C2 PGO K . -0.05 -6.48 5.39
C2 PGO K . -0.35 -7.04 4.65
C3 PGO K . -0.99 -5.33 5.60
C3 PGO K . 0.86 -7.91 4.92
O1 PGO K . 1.09 -7.69 7.15
O1 PGO K . -0.85 -4.88 5.43
O2 PGO K . -0.40 -7.06 4.14
O2 PGO K . -0.11 -6.17 3.56
H11 PGO K . -0.46 -8.35 6.14
H11 PGO K . 0.10 -6.23 6.48
H12 PGO K . -0.80 -7.18 7.16
H12 PGO K . -1.46 -6.54 6.30
H2 PGO K . 0.87 -6.16 5.33
H2 PGO K . -1.11 -7.61 4.44
H31 PGO K . -1.88 -5.67 5.82
H31 PGO K . 1.62 -7.34 5.15
H32 PGO K . -1.03 -4.79 4.79
H32 PGO K . 1.08 -8.43 4.11
H33 PGO K . -0.66 -4.78 6.34
H33 PGO K . 0.67 -8.52 5.65
HO1 PGO K . 0.95 -7.83 8.01
HO1 PGO K . -0.87 -4.33 6.13
HO2 PGO K . -0.22 -6.49 3.49
HO2 PGO K . -0.73 -6.30 2.94
C5 B7G L . 0.62 6.37 5.77
O5 B7G L . 0.18 5.43 6.80
C1 B7G L . -0.87 5.95 7.64
C2 B7G L . -0.43 7.21 8.37
C3 B7G L . 0.00 8.22 7.35
C4 B7G L . 1.03 7.69 6.41
C6 B7G L . 1.82 5.79 5.11
O1 B7G L . -1.24 4.94 8.51
C7 B7G L . -2.15 3.97 7.99
C8 B7G L . -2.33 2.88 9.07
C9 B7G L . -3.46 1.92 8.68
C10 B7G L . -2.99 0.99 7.54
C11 B7G L . -3.84 -0.31 7.60
C12 B7G L . -3.44 -1.22 6.41
O2 B7G L . -1.51 7.63 9.19
O3 B7G L . 0.57 9.38 8.03
O4 B7G L . 1.34 8.57 5.31
O6 B7G L . 1.38 4.79 4.25
C13 B7G L . -2.35 -2.21 6.82
H5 B7G L . -0.09 6.52 5.12
H1 B7G L . -1.64 6.17 7.08
H2 B7G L . 0.34 6.98 8.94
H3 B7G L . -0.77 8.50 6.84
H4 B7G L . 1.86 7.54 6.93
H61 B7G L . 2.43 5.42 5.78
H62 B7G L . 2.30 6.48 4.60
H71 B7G L . -1.79 3.57 7.18
H72 B7G L . -3.03 4.39 7.78
H81 B7G L . -1.50 2.39 9.18
H82 B7G L . -2.57 3.32 9.91
H91 B7G L . -3.69 1.38 9.45
H92 B7G L . -4.25 2.42 8.38
H101 B7G L . -2.05 0.75 7.67
H102 B7G L . -3.11 1.42 6.67
H111 B7G L . -4.80 -0.10 7.55
H112 B7G L . -3.66 -0.78 8.44
H121 B7G L . -4.21 -1.70 6.10
H122 B7G L . -3.10 -0.65 5.68
HO2 B7G L . -1.25 8.30 9.73
HO3 B7G L . 0.21 10.13 7.69
HO4 B7G L . 1.99 9.13 5.56
HO6 B7G L . 1.99 4.13 4.22
H131 B7G L . -1.57 -1.73 7.19
H132 B7G L . -2.70 -2.82 7.50
H133 B7G L . -2.08 -2.73 6.04
C4 7UA M . -14.71 -5.60 21.87
C5 7UA M . -13.49 -4.92 21.79
C6 7UA M . -12.19 -5.59 21.35
C7 7UA M . -12.08 -1.65 22.47
C8 7UA M . -10.61 -1.32 22.55
C10 7UA M . -8.70 -0.55 21.23
C13 7UA M . -12.98 -6.62 19.20
C15 7UA M . -11.86 -8.43 22.35
C17 7UA M . -10.81 -9.34 22.47
C20 7UA M . -12.13 -8.47 24.73
C21 7UA M . -10.67 -9.87 26.18
C22 7UA M . -13.06 -5.21 18.61
C24 7UA M . -9.77 -10.91 26.45
C26 7UA M . -9.73 -11.12 27.80
O3 7UA M . -12.61 -8.93 20.22
C14 7UA M . -12.32 -8.03 20.98
C18 7UA M . -10.41 -9.81 23.72
C19 7UA M . -11.05 -9.36 24.84
C25 7UA M . -11.18 -9.45 27.39
O4 7UA M . -10.59 -10.20 28.39
C16 7UA M . -12.55 -8.00 23.47
N 7UA M . -12.47 -6.78 20.58
C23 7UA M . -11.88 -6.13 18.26
C3 7UA M . -15.86 -4.92 22.28
C2 7UA M . -15.80 -3.56 22.57
C1 7UA M . -14.61 -2.88 22.48
C 7UA M . -13.45 -3.59 22.09
O 7UA M . -12.23 -2.99 22.00
C9 7UA M . -10.01 -1.32 21.14
C11 7UA M . -7.82 -0.82 20.02
C12 7UA M . -8.28 -0.10 18.77
O1 7UA M . -7.98 -0.66 17.71
O2 7UA M . -8.87 1.00 18.76
H3 7UA M . -14.75 -6.65 21.63
H5 7UA M . -11.60 -5.86 22.23
H4 7UA M . -11.60 -4.89 20.75
H6 7UA M . -12.59 -0.96 21.79
H7 7UA M . -12.54 -1.56 23.46
H9 7UA M . -10.48 -0.34 23.00
H8 7UA M . -10.10 -2.06 23.17
H12 7UA M . -8.17 -0.84 22.13
H13 7UA M . -8.92 0.52 21.28
H16 7UA M . -13.61 -7.39 18.75
H18 7UA M . -10.30 -9.70 21.59
H20 7UA M . -12.64 -8.14 25.63
H22 7UA M . -13.81 -5.07 17.83
H21 7UA M . -12.85 -4.39 19.29
H25 7UA M . -9.21 -11.47 25.70
H27 7UA M . -9.11 -11.84 28.32
H19 7UA M . -9.58 -10.51 23.80
H26 7UA M . -11.91 -8.66 27.53
H17 7UA M . -13.39 -7.31 23.38
H23 7UA M . -10.93 -5.88 18.73
H24 7UA M . -11.88 -6.56 17.26
H2 7UA M . -16.80 -5.44 22.33
H1 7UA M . -16.70 -3.04 22.88
H 7UA M . -14.55 -1.83 22.73
H10 7UA M . -9.83 -2.36 20.82
H11 7UA M . -10.69 -0.85 20.44
H15 7UA M . -6.80 -0.51 20.26
H14 7UA M . -7.80 -1.89 19.83
C1 PEG N . -6.75 -23.25 39.54
O1 PEG N . -5.95 -24.41 39.51
C2 PEG N . -6.50 -22.49 40.85
O2 PEG N . -6.42 -21.10 40.61
C3 PEG N . -5.76 -20.31 41.65
C4 PEG N . -6.49 -19.07 41.86
O4 PEG N . -5.67 -17.97 41.54
H11 PEG N . -7.70 -23.51 39.49
H12 PEG N . -6.53 -22.68 38.78
HO1 PEG N . -5.86 -24.71 40.34
H21 PEG N . -7.22 -22.67 41.46
H22 PEG N . -5.66 -22.80 41.24
H31 PEG N . -4.85 -20.12 41.39
H32 PEG N . -5.77 -20.83 42.49
H41 PEG N . -7.28 -19.06 41.29
H42 PEG N . -6.77 -19.01 42.78
HO4 PEG N . -6.12 -17.27 41.58
C1 PEG O . -24.31 5.88 3.29
O1 PEG O . -23.46 5.18 2.40
C2 PEG O . -23.54 6.40 4.51
O2 PEG O . -23.50 7.83 4.49
C3 PEG O . -23.34 8.50 5.78
C4 PEG O . -22.58 9.74 5.63
O4 PEG O . -23.07 10.75 6.47
H11 PEG O . -25.03 5.28 3.60
H12 PEG O . -24.72 6.64 2.82
HO1 PEG O . -23.90 5.02 1.66
H21 PEG O . -22.64 6.05 4.50
H22 PEG O . -23.99 6.10 5.33
H31 PEG O . -24.22 8.71 6.13
H32 PEG O . -22.88 7.91 6.39
H41 PEG O . -22.63 10.04 4.71
H42 PEG O . -21.67 9.56 5.85
HO4 PEG O . -22.86 11.49 6.15
C1 PGO P . -10.85 6.21 12.17
C2 PGO P . -9.89 7.37 12.12
C3 PGO P . -8.66 6.93 11.38
O1 PGO P . -10.46 5.46 13.30
O2 PGO P . -9.54 7.67 13.45
H11 PGO P . -10.78 5.67 11.36
H12 PGO P . -11.77 6.54 12.29
H2 PGO P . -10.30 8.14 11.69
H31 PGO P . -8.89 6.72 10.46
H32 PGO P . -8.27 6.15 11.81
H33 PGO P . -8.01 7.67 11.39
HO1 PGO P . -11.04 4.81 13.44
HO2 PGO P . -9.55 8.55 13.56
C1 PEG Q . -1.15 -0.86 -7.01
O1 PEG Q . -0.55 0.38 -6.68
C2 PEG Q . -2.02 -0.72 -8.28
O2 PEG Q . -1.56 0.40 -9.04
C3 PEG Q . -2.49 1.01 -9.97
C4 PEG Q . -2.58 0.25 -11.21
O4 PEG Q . -3.93 0.05 -11.56
H11 PEG Q . -1.73 -1.17 -6.27
H12 PEG Q . -0.45 -1.54 -7.18
HO1 PEG Q . -0.05 0.65 -7.34
H21 PEG Q . -2.95 -0.59 -8.04
H22 PEG Q . -1.95 -1.53 -8.82
H31 PEG Q . -2.19 1.92 -10.17
H32 PEG Q . -3.37 1.06 -9.57
H41 PEG Q . -2.14 0.75 -11.93
H42 PEG Q . -2.13 -0.60 -11.10
HO4 PEG Q . -4.19 0.68 -12.03
#